data_5FQ4
#
_entry.id   5FQ4
#
_cell.length_a   54.757
_cell.length_b   80.025
_cell.length_c   120.047
_cell.angle_alpha   90.00
_cell.angle_beta   100.12
_cell.angle_gamma   90.00
#
_symmetry.space_group_name_H-M   'P 1 21 1'
#
loop_
_entity.id
_entity.type
_entity.pdbx_description
1 polymer 'PUTATIVE LIPOPROTEIN'
2 non-polymer 'CALCIUM ION'
3 water water
#
_entity_poly.entity_id   1
_entity_poly.type   'polypeptide(L)'
_entity_poly.pdbx_seq_one_letter_code
;SMDLNINDDPNYPMNDQVTADLIFPSISASIASAVGGEIYNYAGFFAQYYEQKPESNQYNTLCEYTFTESSQQMDYSYRI
LFAGALEDAKQVLEKTTNPADRFATTILRAYAFQIMVDNTSDSPYSEALQGNANATPKWDTGETVYKGILGEIDAAEAAL
DGSGMDVPDLIFNKNIAQWKGFANALRLRMYLRFIDANIDAASYTEKVKTLVQNNEFFTGDVKLDCFLDETDKRNPWYNT
NAVGLTGNHCAAYPLVSYLSSTGDPRIAYGISKTDADGKYVGQLPGGKTHMQSILGTDNWKNKNVSAIDYSIGATKPVYF
FTQAELQFLIAEVYARFHNDDANAKSAYEAGVTADFAVRGFAGQENTILEGACAWSAASTQADKLNLIYMQKWVSLFYMD
HMEAWSEIRRTDCPKLSSYSAAQIQASESVYTPGELVAPWTNGLEAGGLMKRMTYPLSARQQNVNTPAGVPGSTPVWWDI
K
;
_entity_poly.pdbx_strand_id   A,B
#
loop_
_chem_comp.id
_chem_comp.type
_chem_comp.name
_chem_comp.formula
CA non-polymer 'CALCIUM ION' 'Ca 2'
#
# COMPACT_ATOMS: atom_id res chain seq x y z
N THR A 19 49.04 -12.82 -3.08
CA THR A 19 49.33 -12.12 -1.83
C THR A 19 48.19 -11.16 -1.46
N ALA A 20 48.10 -10.80 -0.18
CA ALA A 20 47.00 -9.96 0.28
C ALA A 20 47.00 -8.61 -0.42
N ASP A 21 48.21 -8.05 -0.65
CA ASP A 21 48.34 -6.74 -1.28
C ASP A 21 47.73 -6.73 -2.68
N LEU A 22 47.87 -7.84 -3.41
CA LEU A 22 47.32 -7.93 -4.76
C LEU A 22 45.82 -8.17 -4.75
N ILE A 23 45.29 -8.75 -3.67
CA ILE A 23 43.89 -9.14 -3.64
C ILE A 23 43.02 -8.06 -3.03
N PHE A 24 43.50 -7.43 -1.96
CA PHE A 24 42.66 -6.49 -1.23
C PHE A 24 42.04 -5.40 -2.09
N PRO A 25 42.73 -4.80 -3.07
CA PRO A 25 42.06 -3.77 -3.88
C PRO A 25 40.90 -4.30 -4.68
N SER A 26 40.90 -5.59 -5.01
CA SER A 26 39.79 -6.13 -5.78
C SER A 26 38.49 -6.19 -4.99
N ILE A 27 38.56 -6.18 -3.65
CA ILE A 27 37.33 -6.29 -2.86
C ILE A 27 36.43 -5.10 -3.12
N SER A 28 36.95 -3.90 -2.89
CA SER A 28 36.12 -2.71 -3.11
C SER A 28 35.84 -2.48 -4.59
N ALA A 29 36.77 -2.84 -5.47
CA ALA A 29 36.50 -2.76 -6.90
C ALA A 29 35.28 -3.62 -7.26
N SER A 30 35.24 -4.84 -6.73
CA SER A 30 34.14 -5.74 -7.03
C SER A 30 32.84 -5.24 -6.43
N ILE A 31 32.87 -4.81 -5.16
CA ILE A 31 31.68 -4.21 -4.55
C ILE A 31 31.19 -3.02 -5.37
N ALA A 32 32.12 -2.15 -5.77
CA ALA A 32 31.75 -0.95 -6.53
C ALA A 32 31.07 -1.31 -7.83
N SER A 33 31.60 -2.32 -8.53
CA SER A 33 30.97 -2.76 -9.77
C SER A 33 29.51 -3.12 -9.54
N ALA A 34 29.20 -3.76 -8.42
CA ALA A 34 27.82 -4.15 -8.14
C ALA A 34 27.00 -2.99 -7.61
N VAL A 35 27.44 -2.41 -6.49
CA VAL A 35 26.60 -1.45 -5.79
C VAL A 35 26.55 -0.12 -6.54
N GLY A 36 27.57 0.19 -7.34
CA GLY A 36 27.59 1.40 -8.13
C GLY A 36 27.17 1.19 -9.58
N GLY A 37 26.91 -0.06 -9.98
CA GLY A 37 26.60 -0.36 -11.36
C GLY A 37 25.22 -0.97 -11.50
N GLU A 38 25.17 -2.30 -11.65
CA GLU A 38 23.88 -2.97 -11.90
C GLU A 38 22.88 -2.72 -10.77
N ILE A 39 23.32 -2.82 -9.51
CA ILE A 39 22.38 -2.66 -8.40
C ILE A 39 21.94 -1.20 -8.29
N TYR A 40 22.92 -0.29 -8.29
CA TYR A 40 22.63 1.13 -8.38
C TYR A 40 21.60 1.41 -9.45
N ASN A 41 21.74 0.76 -10.61
CA ASN A 41 20.84 1.03 -11.71
C ASN A 41 19.40 0.71 -11.33
N TYR A 42 19.11 -0.54 -10.96
CA TYR A 42 17.71 -0.85 -10.72
C TYR A 42 17.18 -0.16 -9.46
N ALA A 43 18.03 0.04 -8.45
CA ALA A 43 17.53 0.72 -7.25
C ALA A 43 17.13 2.17 -7.53
N GLY A 44 17.71 2.81 -8.55
CA GLY A 44 17.28 4.16 -8.89
C GLY A 44 15.86 4.22 -9.43
N PHE A 45 15.43 3.14 -10.09
CA PHE A 45 14.02 3.05 -10.48
C PHE A 45 13.15 2.84 -9.26
N PHE A 46 13.58 1.95 -8.37
CA PHE A 46 12.80 1.67 -7.17
C PHE A 46 12.75 2.88 -6.25
N ALA A 47 13.82 3.68 -6.21
CA ALA A 47 13.78 4.92 -5.45
C ALA A 47 13.10 6.04 -6.22
N GLN A 48 12.73 5.80 -7.49
CA GLN A 48 11.93 6.73 -8.31
C GLN A 48 12.69 8.04 -8.55
N TYR A 49 13.99 7.91 -8.76
CA TYR A 49 14.80 8.98 -9.29
C TYR A 49 14.63 9.10 -10.80
N TYR A 50 14.53 7.97 -11.50
CA TYR A 50 14.48 8.05 -12.95
C TYR A 50 13.56 6.97 -13.49
N GLU A 51 13.49 6.94 -14.81
CA GLU A 51 12.43 6.26 -15.54
C GLU A 51 12.96 5.96 -16.94
N GLN A 52 12.15 5.23 -17.71
CA GLN A 52 12.56 4.78 -19.03
C GLN A 52 12.29 5.86 -20.07
N LYS A 53 13.32 6.22 -20.85
CA LYS A 53 13.11 7.19 -21.91
C LYS A 53 12.05 6.67 -22.87
N PRO A 54 11.12 7.51 -23.28
CA PRO A 54 9.99 7.06 -24.14
C PRO A 54 10.40 6.29 -25.39
N GLU A 55 11.51 6.64 -26.03
CA GLU A 55 11.83 6.08 -27.34
C GLU A 55 12.68 4.83 -27.28
N SER A 56 12.91 4.27 -26.10
CA SER A 56 13.60 3.01 -25.99
C SER A 56 12.89 2.15 -24.94
N ASN A 57 13.40 0.93 -24.74
CA ASN A 57 12.70 -0.07 -23.94
C ASN A 57 13.61 -0.78 -22.95
N GLN A 58 14.88 -0.36 -22.82
CA GLN A 58 15.84 -1.18 -22.08
C GLN A 58 15.37 -1.51 -20.68
N TYR A 59 14.78 -0.54 -19.98
CA TYR A 59 14.46 -0.73 -18.57
C TYR A 59 12.96 -0.76 -18.31
N ASN A 60 12.14 -1.04 -19.33
CA ASN A 60 10.70 -1.16 -19.14
C ASN A 60 10.37 -2.08 -17.96
N THR A 61 10.98 -3.26 -17.91
CA THR A 61 10.54 -4.23 -16.92
C THR A 61 10.98 -3.85 -15.51
N LEU A 62 12.02 -3.04 -15.36
CA LEU A 62 12.30 -2.49 -14.03
C LEU A 62 11.30 -1.40 -13.67
N CYS A 63 10.99 -0.53 -14.64
CA CYS A 63 10.08 0.59 -14.38
C CYS A 63 8.68 0.11 -14.04
N GLU A 64 8.24 -0.96 -14.70
CA GLU A 64 6.87 -1.45 -14.58
C GLU A 64 6.73 -2.62 -13.64
N TYR A 65 7.82 -2.99 -12.95
CA TYR A 65 7.82 -4.08 -11.98
C TYR A 65 7.38 -5.39 -12.63
N THR A 66 7.75 -5.61 -13.88
CA THR A 66 7.38 -6.83 -14.58
C THR A 66 8.53 -7.80 -14.74
N PHE A 67 9.70 -7.49 -14.19
CA PHE A 67 10.80 -8.44 -14.23
C PHE A 67 10.49 -9.62 -13.30
N THR A 68 11.10 -10.75 -13.61
CA THR A 68 10.89 -11.97 -12.85
C THR A 68 12.25 -12.54 -12.48
N GLU A 69 12.21 -13.65 -11.73
CA GLU A 69 13.46 -14.32 -11.39
C GLU A 69 14.27 -14.67 -12.63
N SER A 70 13.59 -15.11 -13.69
CA SER A 70 14.27 -15.46 -14.94
C SER A 70 14.94 -14.25 -15.59
N SER A 71 14.52 -13.03 -15.25
CA SER A 71 15.13 -11.83 -15.81
C SER A 71 16.57 -11.62 -15.34
N GLN A 72 16.99 -12.29 -14.26
CA GLN A 72 18.39 -12.24 -13.79
C GLN A 72 18.86 -10.82 -13.52
N GLN A 73 18.02 -9.99 -12.91
CA GLN A 73 18.36 -8.58 -12.81
C GLN A 73 19.54 -8.33 -11.87
N MET A 74 19.89 -9.29 -10.99
CA MET A 74 21.01 -9.10 -10.08
C MET A 74 22.02 -10.24 -10.14
N ASP A 75 21.95 -11.11 -11.15
CA ASP A 75 22.86 -12.24 -11.22
C ASP A 75 24.31 -11.79 -11.34
N TYR A 76 24.58 -10.80 -12.18
CA TYR A 76 25.94 -10.31 -12.30
C TYR A 76 26.42 -9.82 -10.94
N SER A 77 25.59 -9.02 -10.25
CA SER A 77 26.00 -8.45 -8.97
C SER A 77 26.22 -9.53 -7.94
N TYR A 78 25.38 -10.57 -7.96
CA TYR A 78 25.56 -11.65 -6.99
C TYR A 78 26.91 -12.34 -7.21
N ARG A 79 27.26 -12.60 -8.47
CA ARG A 79 28.52 -13.26 -8.74
C ARG A 79 29.69 -12.38 -8.34
N ILE A 80 29.62 -11.08 -8.65
CA ILE A 80 30.77 -10.25 -8.36
C ILE A 80 30.88 -9.99 -6.86
N LEU A 81 29.74 -10.02 -6.14
CA LEU A 81 29.80 -9.84 -4.69
C LEU A 81 30.37 -11.08 -4.00
N PHE A 82 29.96 -12.28 -4.43
CA PHE A 82 30.31 -13.50 -3.73
C PHE A 82 31.51 -14.22 -4.32
N ALA A 83 31.50 -14.48 -5.63
CA ALA A 83 32.68 -15.04 -6.26
C ALA A 83 33.83 -14.04 -6.33
N GLY A 84 33.54 -12.74 -6.25
CA GLY A 84 34.53 -11.70 -6.37
C GLY A 84 34.86 -11.12 -5.01
N ALA A 85 34.05 -10.16 -4.55
CA ALA A 85 34.40 -9.37 -3.37
C ALA A 85 34.60 -10.25 -2.13
N LEU A 86 33.62 -11.10 -1.82
CA LEU A 86 33.68 -11.87 -0.57
C LEU A 86 34.76 -12.95 -0.63
N GLU A 87 34.97 -13.56 -1.79
CA GLU A 87 36.06 -14.51 -1.93
C GLU A 87 37.41 -13.84 -1.74
N ASP A 88 37.58 -12.65 -2.33
CA ASP A 88 38.80 -11.88 -2.14
C ASP A 88 39.01 -11.55 -0.66
N ALA A 89 37.94 -11.17 0.03
CA ALA A 89 38.06 -10.85 1.45
C ALA A 89 38.52 -12.07 2.23
N LYS A 90 37.92 -13.24 1.94
CA LYS A 90 38.34 -14.48 2.56
C LYS A 90 39.84 -14.71 2.39
N GLN A 91 40.37 -14.43 1.19
CA GLN A 91 41.78 -14.68 0.95
C GLN A 91 42.65 -13.68 1.70
N VAL A 92 42.25 -12.41 1.75
CA VAL A 92 43.01 -11.47 2.55
C VAL A 92 43.05 -11.92 4.01
N LEU A 93 41.88 -12.27 4.56
CA LEU A 93 41.80 -12.69 5.96
C LEU A 93 42.63 -13.95 6.21
N GLU A 94 42.80 -14.79 5.20
CA GLU A 94 43.72 -15.91 5.36
C GLU A 94 45.18 -15.50 5.28
N LYS A 95 45.49 -14.39 4.60
CA LYS A 95 46.88 -14.12 4.23
C LYS A 95 47.57 -13.05 5.07
N THR A 96 46.87 -12.30 5.91
CA THR A 96 47.55 -11.28 6.71
C THR A 96 47.08 -11.31 8.16
N THR A 97 48.04 -11.11 9.07
CA THR A 97 47.76 -10.95 10.49
C THR A 97 47.65 -9.48 10.89
N ASN A 98 47.86 -8.55 9.96
CA ASN A 98 47.86 -7.13 10.28
C ASN A 98 46.43 -6.73 10.70
N PRO A 99 46.19 -6.46 11.98
CA PRO A 99 44.80 -6.28 12.43
C PRO A 99 44.10 -5.13 11.75
N ALA A 100 44.84 -4.07 11.39
CA ALA A 100 44.22 -2.94 10.69
C ALA A 100 43.80 -3.34 9.29
N ASP A 101 44.60 -4.18 8.62
CA ASP A 101 44.20 -4.68 7.30
C ASP A 101 43.03 -5.63 7.43
N ARG A 102 43.05 -6.51 8.44
CA ARG A 102 41.91 -7.36 8.71
C ARG A 102 40.68 -6.54 9.03
N PHE A 103 40.86 -5.43 9.75
CA PHE A 103 39.72 -4.58 10.10
C PHE A 103 39.07 -4.00 8.85
N ALA A 104 39.86 -3.38 7.96
CA ALA A 104 39.31 -2.84 6.71
C ALA A 104 38.64 -3.94 5.89
N THR A 105 39.30 -5.09 5.76
CA THR A 105 38.74 -6.19 5.00
C THR A 105 37.41 -6.66 5.60
N THR A 106 37.33 -6.73 6.92
CA THR A 106 36.10 -7.19 7.57
C THR A 106 34.98 -6.19 7.35
N ILE A 107 35.31 -4.90 7.36
CA ILE A 107 34.32 -3.87 7.10
C ILE A 107 33.77 -3.99 5.69
N LEU A 108 34.65 -4.21 4.69
CA LEU A 108 34.17 -4.37 3.33
C LEU A 108 33.34 -5.64 3.19
N ARG A 109 33.78 -6.72 3.84
CA ARG A 109 33.04 -7.97 3.82
C ARG A 109 31.64 -7.77 4.39
N ALA A 110 31.55 -7.07 5.52
CA ALA A 110 30.26 -6.77 6.14
C ALA A 110 29.37 -5.96 5.20
N TYR A 111 29.95 -4.97 4.50
CA TYR A 111 29.16 -4.14 3.58
C TYR A 111 28.59 -4.97 2.45
N ALA A 112 29.39 -5.86 1.88
CA ALA A 112 28.91 -6.73 0.82
C ALA A 112 27.71 -7.54 1.29
N PHE A 113 27.81 -8.16 2.47
CA PHE A 113 26.66 -8.89 2.99
C PHE A 113 25.48 -7.98 3.25
N GLN A 114 25.75 -6.75 3.71
CA GLN A 114 24.66 -5.82 3.97
C GLN A 114 23.88 -5.55 2.69
N ILE A 115 24.60 -5.32 1.58
CA ILE A 115 23.99 -5.11 0.27
C ILE A 115 23.13 -6.31 -0.11
N MET A 116 23.70 -7.51 0.02
CA MET A 116 22.98 -8.69 -0.45
C MET A 116 21.71 -8.88 0.36
N VAL A 117 21.82 -8.72 1.69
CA VAL A 117 20.66 -8.89 2.56
C VAL A 117 19.59 -7.87 2.22
N ASP A 118 19.99 -6.63 1.93
CA ASP A 118 19.03 -5.59 1.57
C ASP A 118 18.36 -5.87 0.23
N ASN A 119 18.90 -6.78 -0.57
CA ASN A 119 18.24 -7.12 -1.82
C ASN A 119 17.30 -8.32 -1.67
N THR A 120 17.80 -9.43 -1.13
CA THR A 120 17.04 -10.68 -1.12
C THR A 120 16.67 -11.14 0.28
N SER A 121 16.96 -10.31 1.30
CA SER A 121 16.69 -10.60 2.71
C SER A 121 17.59 -11.72 3.21
N ASP A 122 17.43 -12.91 2.64
CA ASP A 122 18.30 -14.01 2.99
C ASP A 122 19.61 -13.90 2.24
N SER A 123 20.63 -14.58 2.75
CA SER A 123 21.91 -14.54 2.07
C SER A 123 22.75 -15.70 2.54
N PRO A 124 23.51 -16.34 1.65
CA PRO A 124 24.60 -17.21 2.11
C PRO A 124 25.48 -16.43 3.08
N TYR A 125 25.88 -17.08 4.18
CA TYR A 125 26.72 -16.39 5.15
C TYR A 125 27.52 -17.40 5.97
N SER A 126 26.88 -18.06 6.94
CA SER A 126 27.58 -19.05 7.75
C SER A 126 28.15 -20.18 6.90
N GLU A 127 27.56 -20.46 5.74
CA GLU A 127 28.02 -21.52 4.87
C GLU A 127 28.56 -20.99 3.55
N ALA A 128 28.72 -19.69 3.40
CA ALA A 128 29.22 -19.15 2.16
C ALA A 128 30.71 -19.37 2.04
N LEU A 129 31.19 -19.40 0.79
CA LEU A 129 32.62 -19.46 0.45
C LEU A 129 33.28 -20.78 0.90
N ALA A 135 29.69 -24.91 -2.82
CA ALA A 135 28.74 -25.97 -3.13
C ALA A 135 27.31 -25.44 -3.12
N THR A 136 26.49 -25.99 -2.23
CA THR A 136 25.08 -25.64 -2.10
C THR A 136 24.82 -25.08 -0.71
N PRO A 137 25.39 -23.91 -0.39
CA PRO A 137 25.24 -23.38 0.97
C PRO A 137 23.79 -23.05 1.29
N LYS A 138 23.43 -23.18 2.57
CA LYS A 138 22.14 -22.67 3.00
C LYS A 138 22.18 -21.16 3.00
N TRP A 139 21.01 -20.56 2.84
CA TRP A 139 20.85 -19.12 2.90
C TRP A 139 20.40 -18.75 4.31
N ASP A 140 21.22 -17.99 5.02
CA ASP A 140 20.84 -17.55 6.36
C ASP A 140 19.80 -16.44 6.28
N THR A 141 19.02 -16.30 7.36
CA THR A 141 18.11 -15.17 7.42
C THR A 141 18.91 -13.87 7.53
N GLY A 142 18.34 -12.80 6.96
CA GLY A 142 19.05 -11.53 6.98
C GLY A 142 19.34 -11.02 8.39
N GLU A 143 18.42 -11.26 9.32
CA GLU A 143 18.71 -10.89 10.71
C GLU A 143 19.94 -11.63 11.21
N THR A 144 20.06 -12.92 10.87
CA THR A 144 21.26 -13.67 11.24
C THR A 144 22.51 -13.03 10.66
N VAL A 145 22.42 -12.61 9.39
CA VAL A 145 23.58 -12.03 8.72
C VAL A 145 23.95 -10.69 9.33
N TYR A 146 22.96 -9.81 9.51
CA TYR A 146 23.23 -8.53 10.15
C TYR A 146 23.92 -8.71 11.49
N LYS A 147 23.36 -9.60 12.32
CA LYS A 147 23.94 -9.86 13.63
C LYS A 147 25.37 -10.35 13.51
N GLY A 148 25.63 -11.29 12.59
CA GLY A 148 26.97 -11.85 12.48
C GLY A 148 27.99 -10.82 12.02
N ILE A 149 27.67 -10.07 10.96
CA ILE A 149 28.67 -9.15 10.42
C ILE A 149 28.90 -8.01 11.39
N LEU A 150 27.87 -7.60 12.13
CA LEU A 150 28.10 -6.60 13.18
C LEU A 150 29.04 -7.13 14.25
N GLY A 151 28.84 -8.39 14.67
CA GLY A 151 29.78 -9.02 15.58
C GLY A 151 31.18 -9.11 15.01
N GLU A 152 31.30 -9.32 13.69
CA GLU A 152 32.61 -9.38 13.07
C GLU A 152 33.33 -8.03 13.15
N ILE A 153 32.63 -6.95 12.82
CA ILE A 153 33.22 -5.63 12.91
C ILE A 153 33.68 -5.36 14.35
N ASP A 154 32.82 -5.71 15.31
CA ASP A 154 33.18 -5.55 16.73
C ASP A 154 34.47 -6.29 17.06
N ALA A 155 34.56 -7.56 16.65
CA ALA A 155 35.73 -8.35 16.99
C ALA A 155 36.98 -7.80 16.29
N ALA A 156 36.85 -7.46 15.01
CA ALA A 156 38.00 -6.94 14.29
C ALA A 156 38.48 -5.62 14.87
N GLU A 157 37.55 -4.75 15.29
CA GLU A 157 37.94 -3.49 15.91
C GLU A 157 38.68 -3.73 17.22
N ALA A 158 38.16 -4.64 18.05
CA ALA A 158 38.77 -4.93 19.33
C ALA A 158 40.17 -5.53 19.15
N ALA A 159 40.47 -6.09 17.99
CA ALA A 159 41.78 -6.68 17.76
C ALA A 159 42.81 -5.66 17.26
N LEU A 160 42.39 -4.43 16.96
CA LEU A 160 43.34 -3.39 16.57
C LEU A 160 44.38 -3.18 17.67
N ASP A 161 45.64 -3.11 17.27
CA ASP A 161 46.73 -2.97 18.23
C ASP A 161 47.46 -1.64 18.12
N GLY A 162 47.00 -0.74 17.25
CA GLY A 162 47.63 0.55 17.10
C GLY A 162 48.61 0.67 15.94
N SER A 163 49.04 -0.45 15.35
CA SER A 163 49.93 -0.36 14.21
C SER A 163 49.12 -0.02 12.94
N GLY A 164 49.85 0.38 11.88
CA GLY A 164 49.20 0.88 10.68
C GLY A 164 48.87 -0.22 9.66
N MET A 165 48.12 0.19 8.63
CA MET A 165 47.74 -0.71 7.54
C MET A 165 48.91 -0.91 6.58
N ASP A 166 48.89 -2.03 5.87
CA ASP A 166 49.90 -2.31 4.87
CA ASP A 166 49.90 -2.35 4.86
C ASP A 166 49.33 -2.49 3.46
N VAL A 167 48.04 -2.83 3.33
CA VAL A 167 47.41 -3.07 2.03
C VAL A 167 47.22 -1.77 1.26
N PRO A 168 47.32 -1.78 -0.07
CA PRO A 168 46.95 -0.60 -0.86
C PRO A 168 45.48 -0.28 -0.66
N ASP A 169 45.21 0.96 -0.23
CA ASP A 169 43.87 1.35 0.23
C ASP A 169 43.43 2.60 -0.54
N LEU A 170 42.73 2.39 -1.66
CA LEU A 170 42.20 3.50 -2.44
C LEU A 170 41.02 4.18 -1.76
N ILE A 171 40.41 3.53 -0.76
CA ILE A 171 39.25 4.13 -0.13
C ILE A 171 39.67 5.20 0.88
N PHE A 172 40.58 4.85 1.79
CA PHE A 172 40.97 5.74 2.87
C PHE A 172 42.47 6.00 2.98
N ASN A 173 43.27 5.53 2.03
CA ASN A 173 44.73 5.74 2.05
C ASN A 173 45.34 5.34 3.40
N LYS A 174 44.86 4.21 3.94
CA LYS A 174 45.39 3.57 5.15
C LYS A 174 45.06 4.34 6.42
N ASN A 175 44.10 5.27 6.35
CA ASN A 175 43.71 6.05 7.52
C ASN A 175 42.76 5.22 8.38
N ILE A 176 43.26 4.72 9.52
CA ILE A 176 42.49 3.79 10.34
C ILE A 176 41.30 4.48 10.99
N ALA A 177 41.45 5.75 11.40
CA ALA A 177 40.34 6.48 11.98
C ALA A 177 39.17 6.55 11.01
N GLN A 178 39.47 6.67 9.71
CA GLN A 178 38.41 6.69 8.70
C GLN A 178 37.73 5.32 8.58
N TRP A 179 38.51 4.24 8.57
CA TRP A 179 37.90 2.91 8.56
C TRP A 179 37.04 2.69 9.81
N LYS A 180 37.50 3.20 10.96
CA LYS A 180 36.67 3.16 12.16
C LYS A 180 35.39 3.96 11.95
N GLY A 181 35.51 5.14 11.34
CA GLY A 181 34.33 5.93 11.03
C GLY A 181 33.36 5.19 10.13
N PHE A 182 33.90 4.49 9.14
CA PHE A 182 33.07 3.71 8.22
C PHE A 182 32.35 2.59 8.98
N ALA A 183 33.09 1.86 9.82
CA ALA A 183 32.49 0.83 10.66
C ALA A 183 31.36 1.42 11.51
N ASN A 184 31.62 2.56 12.15
CA ASN A 184 30.59 3.20 12.97
C ASN A 184 29.39 3.64 12.13
N ALA A 185 29.62 4.10 10.89
CA ALA A 185 28.49 4.49 10.04
C ALA A 185 27.66 3.27 9.64
N LEU A 186 28.33 2.16 9.32
CA LEU A 186 27.61 0.93 9.02
C LEU A 186 26.83 0.43 10.23
N ARG A 187 27.39 0.57 11.44
CA ARG A 187 26.65 0.24 12.64
C ARG A 187 25.41 1.12 12.77
N LEU A 188 25.58 2.41 12.54
CA LEU A 188 24.46 3.34 12.57
C LEU A 188 23.36 2.88 11.60
N ARG A 189 23.74 2.66 10.34
CA ARG A 189 22.79 2.20 9.32
C ARG A 189 22.06 0.93 9.76
N MET A 190 22.81 -0.07 10.21
CA MET A 190 22.20 -1.36 10.52
C MET A 190 21.45 -1.37 11.85
N TYR A 191 21.94 -0.64 12.87
CA TYR A 191 21.20 -0.56 14.12
C TYR A 191 19.81 0.03 13.89
N LEU A 192 19.74 1.11 13.10
CA LEU A 192 18.45 1.71 12.78
C LEU A 192 17.51 0.70 12.15
N ARG A 193 18.05 -0.22 11.34
CA ARG A 193 17.17 -1.22 10.75
C ARG A 193 16.67 -2.23 11.77
N PHE A 194 17.48 -2.61 12.76
CA PHE A 194 16.94 -3.41 13.85
C PHE A 194 15.84 -2.66 14.58
N ILE A 195 16.09 -1.37 14.87
CA ILE A 195 15.15 -0.60 15.65
C ILE A 195 13.80 -0.54 14.94
N ASP A 196 13.83 -0.21 13.64
CA ASP A 196 12.56 -0.08 12.94
C ASP A 196 12.00 -1.40 12.47
N ALA A 197 12.72 -2.51 12.65
CA ALA A 197 12.17 -3.84 12.54
C ALA A 197 11.63 -4.36 13.87
N ASN A 198 11.66 -3.52 14.91
CA ASN A 198 11.27 -3.91 16.25
C ASN A 198 11.98 -5.19 16.69
N ILE A 199 13.29 -5.24 16.47
CA ILE A 199 14.11 -6.38 16.85
C ILE A 199 15.19 -5.87 17.78
N ASP A 200 15.10 -6.23 19.06
CA ASP A 200 16.01 -5.71 20.09
C ASP A 200 16.02 -4.19 20.06
N ALA A 201 14.83 -3.60 19.85
CA ALA A 201 14.75 -2.18 19.56
C ALA A 201 15.28 -1.33 20.71
N ALA A 202 14.95 -1.70 21.95
CA ALA A 202 15.44 -0.94 23.10
C ALA A 202 16.96 -0.99 23.18
N SER A 203 17.54 -2.17 22.97
CA SER A 203 19.00 -2.30 23.02
C SER A 203 19.67 -1.52 21.90
N TYR A 204 19.21 -1.71 20.66
CA TYR A 204 19.85 -1.00 19.56
C TYR A 204 19.63 0.51 19.63
N THR A 205 18.53 0.95 20.25
CA THR A 205 18.35 2.38 20.45
C THR A 205 19.45 2.95 21.34
N GLU A 206 19.76 2.26 22.45
CA GLU A 206 20.85 2.70 23.31
C GLU A 206 22.20 2.66 22.59
N LYS A 207 22.45 1.61 21.80
CA LYS A 207 23.69 1.54 21.03
C LYS A 207 23.78 2.69 20.03
N VAL A 208 22.66 3.04 19.40
CA VAL A 208 22.67 4.06 18.38
C VAL A 208 22.85 5.44 19.01
N LYS A 209 22.24 5.68 20.18
CA LYS A 209 22.43 6.94 20.90
C LYS A 209 23.90 7.13 21.27
N THR A 210 24.55 6.07 21.77
CA THR A 210 25.95 6.15 22.16
C THR A 210 26.84 6.44 20.96
N LEU A 211 26.59 5.71 19.88
CA LEU A 211 27.32 5.85 18.63
C LEU A 211 27.34 7.30 18.16
N VAL A 212 26.17 7.92 18.13
CA VAL A 212 26.06 9.31 17.69
C VAL A 212 26.73 10.25 18.70
N GLN A 213 26.58 9.98 19.99
CA GLN A 213 27.25 10.79 21.01
C GLN A 213 28.77 10.71 20.86
N ASN A 214 29.30 9.51 20.57
CA ASN A 214 30.74 9.34 20.39
C ASN A 214 31.23 10.10 19.16
N ASN A 215 30.42 10.17 18.11
CA ASN A 215 30.72 10.95 16.91
C ASN A 215 32.06 10.55 16.32
N GLU A 216 32.29 9.25 16.21
CA GLU A 216 33.52 8.72 15.61
C GLU A 216 33.24 8.17 14.21
N PHE A 217 32.66 9.02 13.37
CA PHE A 217 32.28 8.62 12.03
C PHE A 217 33.35 9.10 11.04
N PHE A 218 33.12 8.83 9.75
CA PHE A 218 34.13 9.21 8.76
C PHE A 218 33.94 10.67 8.34
N THR A 219 35.03 11.25 7.84
CA THR A 219 34.96 12.55 7.18
C THR A 219 34.97 12.35 5.66
N GLY A 220 34.52 13.39 4.95
CA GLY A 220 34.36 13.22 3.52
C GLY A 220 33.32 12.13 3.23
N ASP A 221 33.42 11.56 2.03
CA ASP A 221 32.53 10.47 1.62
C ASP A 221 33.31 9.16 1.56
N VAL A 222 32.62 8.05 1.80
CA VAL A 222 33.22 6.73 1.61
C VAL A 222 32.95 6.34 0.16
N LYS A 223 34.00 6.33 -0.66
CA LYS A 223 33.80 6.13 -2.09
C LYS A 223 35.05 5.51 -2.69
N LEU A 224 34.85 4.83 -3.82
CA LEU A 224 35.94 4.37 -4.68
C LEU A 224 36.03 5.34 -5.85
N ASP A 225 37.15 6.06 -5.93
CA ASP A 225 37.24 7.26 -6.75
C ASP A 225 38.43 7.16 -7.69
N CYS A 226 38.45 6.16 -8.56
CA CYS A 226 39.57 6.07 -9.50
C CYS A 226 39.10 5.85 -10.93
N PHE A 227 37.91 6.32 -11.26
CA PHE A 227 37.34 6.04 -12.58
C PHE A 227 37.76 7.11 -13.57
N LEU A 228 38.08 6.66 -14.78
CA LEU A 228 38.56 7.50 -15.87
C LEU A 228 37.67 7.31 -17.07
N ASP A 229 37.57 8.34 -17.92
CA ASP A 229 36.79 8.23 -19.14
C ASP A 229 37.67 7.55 -20.20
N GLU A 230 37.94 6.27 -19.94
CA GLU A 230 38.72 5.42 -20.84
C GLU A 230 38.11 4.03 -20.84
N THR A 231 38.38 3.28 -21.91
CA THR A 231 37.85 1.94 -22.06
C THR A 231 38.16 1.12 -20.80
N ASP A 232 37.12 0.49 -20.24
CA ASP A 232 37.21 -0.41 -19.10
C ASP A 232 37.74 0.28 -17.84
N LYS A 233 37.65 1.60 -17.77
CA LYS A 233 38.02 2.33 -16.57
C LYS A 233 36.93 3.27 -16.09
N ARG A 234 35.78 3.29 -16.75
CA ARG A 234 34.72 4.25 -16.44
C ARG A 234 33.90 3.78 -15.24
N ASN A 235 33.22 4.73 -14.62
CA ASN A 235 32.22 4.41 -13.61
C ASN A 235 31.30 3.33 -14.18
N PRO A 236 31.04 2.26 -13.42
CA PRO A 236 30.30 1.13 -13.99
C PRO A 236 28.90 1.49 -14.48
N TRP A 237 28.18 2.35 -13.78
CA TRP A 237 26.85 2.72 -14.26
C TRP A 237 26.94 3.48 -15.56
N TYR A 238 27.87 4.45 -15.63
CA TYR A 238 28.10 5.16 -16.89
C TYR A 238 28.50 4.19 -18.00
N ASN A 239 29.40 3.26 -17.69
CA ASN A 239 29.92 2.37 -18.71
C ASN A 239 28.80 1.55 -19.34
N THR A 240 27.88 1.05 -18.51
CA THR A 240 26.82 0.19 -19.03
C THR A 240 25.80 0.98 -19.85
N ASN A 241 25.45 2.16 -19.37
CA ASN A 241 24.26 2.87 -19.85
C ASN A 241 24.55 3.99 -20.82
N ALA A 242 25.79 4.49 -20.88
CA ALA A 242 26.16 5.53 -21.81
C ALA A 242 27.19 5.10 -22.85
N VAL A 243 27.83 3.94 -22.69
CA VAL A 243 28.82 3.43 -23.64
C VAL A 243 28.34 2.13 -24.28
N GLY A 244 28.00 1.13 -23.48
CA GLY A 244 27.45 -0.11 -24.01
C GLY A 244 26.01 -0.03 -24.43
N LEU A 245 25.31 1.01 -23.97
CA LEU A 245 23.95 1.34 -24.39
C LEU A 245 23.90 2.82 -24.74
N THR A 246 22.88 3.20 -25.50
CA THR A 246 22.50 4.60 -25.55
C THR A 246 21.63 4.93 -24.36
N GLY A 247 21.68 6.20 -23.94
CA GLY A 247 20.99 6.63 -22.73
C GLY A 247 19.54 6.23 -22.63
N ASN A 248 19.19 5.46 -21.60
CA ASN A 248 17.81 5.00 -21.41
C ASN A 248 17.09 5.71 -20.27
N HIS A 249 17.77 6.58 -19.52
CA HIS A 249 17.19 7.13 -18.30
C HIS A 249 16.66 8.53 -18.54
N CYS A 250 15.40 8.74 -18.16
CA CYS A 250 14.86 10.08 -18.01
C CYS A 250 14.51 10.26 -16.55
N ALA A 251 14.41 11.52 -16.12
CA ALA A 251 14.08 11.78 -14.73
C ALA A 251 12.65 11.34 -14.41
N ALA A 252 12.43 10.97 -13.16
CA ALA A 252 11.13 10.50 -12.72
C ALA A 252 10.38 11.62 -12.02
N TYR A 253 9.06 11.56 -12.13
CA TYR A 253 8.18 12.60 -11.59
C TYR A 253 8.40 12.91 -10.11
N PRO A 254 8.59 11.95 -9.20
CA PRO A 254 8.73 12.33 -7.78
C PRO A 254 9.92 13.24 -7.53
N LEU A 255 11.08 12.90 -8.10
CA LEU A 255 12.27 13.70 -7.88
C LEU A 255 12.14 15.08 -8.50
N VAL A 256 11.76 15.14 -9.78
CA VAL A 256 11.58 16.43 -10.44
C VAL A 256 10.60 17.29 -9.66
N SER A 257 9.45 16.70 -9.30
CA SER A 257 8.42 17.46 -8.61
C SER A 257 8.96 18.04 -7.31
N TYR A 258 9.72 17.25 -6.57
CA TYR A 258 10.17 17.68 -5.26
C TYR A 258 11.27 18.75 -5.39
N LEU A 259 12.19 18.56 -6.33
CA LEU A 259 13.26 19.56 -6.52
C LEU A 259 12.68 20.86 -7.07
N SER A 260 11.75 20.76 -8.02
CA SER A 260 11.10 21.95 -8.54
C SER A 260 10.28 22.65 -7.47
N SER A 261 9.51 21.90 -6.68
CA SER A 261 8.66 22.50 -5.65
C SER A 261 9.50 23.22 -4.60
N THR A 262 10.62 22.63 -4.20
CA THR A 262 11.44 23.21 -3.13
C THR A 262 12.40 24.28 -3.63
N GLY A 263 12.33 24.65 -4.91
CA GLY A 263 13.21 25.67 -5.43
C GLY A 263 14.68 25.27 -5.37
N ASP A 264 14.95 23.98 -5.57
CA ASP A 264 16.26 23.40 -5.28
C ASP A 264 17.18 23.55 -6.48
N PRO A 265 18.31 24.25 -6.37
CA PRO A 265 19.21 24.38 -7.53
C PRO A 265 19.84 23.06 -7.94
N ARG A 266 19.84 22.04 -7.06
CA ARG A 266 20.41 20.75 -7.46
C ARG A 266 19.59 20.04 -8.52
N ILE A 267 18.43 20.58 -8.89
CA ILE A 267 17.70 20.03 -10.02
C ILE A 267 18.54 20.02 -11.29
N ALA A 268 19.56 20.89 -11.39
CA ALA A 268 20.37 21.00 -12.59
C ALA A 268 21.50 19.98 -12.66
N TYR A 269 21.83 19.33 -11.53
CA TYR A 269 22.91 18.35 -11.48
C TYR A 269 22.36 16.96 -11.83
N GLY A 270 22.86 16.39 -12.91
CA GLY A 270 22.49 15.04 -13.30
C GLY A 270 21.17 14.94 -14.05
N ILE A 271 20.48 16.05 -14.25
CA ILE A 271 19.19 16.11 -14.93
C ILE A 271 19.26 17.22 -15.97
N SER A 272 18.80 16.93 -17.19
CA SER A 272 18.80 17.90 -18.28
C SER A 272 17.40 18.45 -18.50
N LYS A 273 17.33 19.73 -18.85
CA LYS A 273 16.07 20.30 -19.29
C LYS A 273 15.61 19.62 -20.57
N THR A 274 14.29 19.58 -20.78
CA THR A 274 13.75 18.97 -22.00
C THR A 274 14.26 19.71 -23.22
N ASP A 275 14.52 18.96 -24.27
CA ASP A 275 14.90 19.60 -25.51
C ASP A 275 13.69 20.23 -26.20
N ALA A 276 12.47 19.75 -25.91
CA ALA A 276 11.28 20.32 -26.54
C ALA A 276 11.02 21.74 -26.06
N ASP A 277 11.21 22.00 -24.77
CA ASP A 277 10.77 23.26 -24.19
C ASP A 277 11.70 23.81 -23.12
N GLY A 278 12.81 23.15 -22.81
CA GLY A 278 13.71 23.68 -21.81
C GLY A 278 13.16 23.65 -20.41
N LYS A 279 12.36 22.63 -20.09
CA LYS A 279 11.75 22.51 -18.78
C LYS A 279 12.25 21.26 -18.08
N TYR A 280 12.07 21.24 -16.77
CA TYR A 280 12.33 20.05 -15.97
C TYR A 280 11.05 19.24 -15.89
N VAL A 281 11.07 18.04 -16.46
CA VAL A 281 9.88 17.22 -16.60
C VAL A 281 10.25 15.79 -16.22
N GLY A 282 9.49 15.22 -15.29
CA GLY A 282 9.74 13.87 -14.83
C GLY A 282 8.60 12.96 -15.23
N GLN A 283 8.95 11.75 -15.64
CA GLN A 283 7.96 10.80 -16.10
C GLN A 283 7.37 10.04 -14.92
N LEU A 284 6.06 9.86 -14.94
CA LEU A 284 5.44 9.08 -13.87
C LEU A 284 6.00 7.66 -13.88
N PRO A 285 6.32 7.11 -12.71
CA PRO A 285 6.85 5.74 -12.66
C PRO A 285 5.95 4.75 -13.37
N GLY A 286 6.59 3.87 -14.16
CA GLY A 286 5.86 2.89 -14.93
C GLY A 286 4.89 3.47 -15.93
N GLY A 287 4.97 4.77 -16.19
CA GLY A 287 3.96 5.43 -16.96
C GLY A 287 4.29 5.66 -18.42
N LYS A 288 5.44 5.16 -18.89
CA LYS A 288 5.90 5.49 -20.24
C LYS A 288 4.84 5.18 -21.30
N THR A 289 4.37 3.93 -21.34
CA THR A 289 3.42 3.51 -22.36
C THR A 289 2.08 4.23 -22.21
N HIS A 290 1.74 4.65 -21.00
CA HIS A 290 0.47 5.34 -20.79
C HIS A 290 0.53 6.78 -21.27
N MET A 291 1.65 7.46 -21.01
CA MET A 291 1.85 8.78 -21.59
C MET A 291 1.73 8.72 -23.10
N GLN A 292 2.40 7.75 -23.74
CA GLN A 292 2.29 7.59 -25.18
C GLN A 292 0.84 7.36 -25.60
N SER A 293 0.12 6.53 -24.85
CA SER A 293 -1.26 6.25 -25.18
C SER A 293 -2.13 7.49 -25.03
N ILE A 294 -2.05 8.14 -23.88
CA ILE A 294 -2.96 9.25 -23.59
C ILE A 294 -2.63 10.44 -24.48
N LEU A 295 -1.35 10.79 -24.58
CA LEU A 295 -0.94 11.97 -25.33
C LEU A 295 -0.75 11.71 -26.81
N GLY A 296 -0.60 10.44 -27.22
CA GLY A 296 -0.18 10.16 -28.58
C GLY A 296 1.32 9.94 -28.60
N THR A 297 1.77 8.88 -29.28
CA THR A 297 3.17 8.50 -29.24
C THR A 297 4.09 9.59 -29.76
N ASP A 298 3.60 10.39 -30.71
CA ASP A 298 4.42 11.47 -31.27
C ASP A 298 4.55 12.64 -30.31
N ASN A 299 3.72 12.71 -29.27
CA ASN A 299 3.73 13.81 -28.32
C ASN A 299 4.35 13.44 -26.99
N TRP A 300 4.92 12.24 -26.88
CA TRP A 300 5.66 11.86 -25.70
C TRP A 300 6.94 11.15 -26.18
N LYS A 301 7.88 11.94 -26.68
CA LYS A 301 9.18 11.50 -27.14
C LYS A 301 10.23 11.84 -26.09
N ASN A 302 11.49 11.44 -26.36
CA ASN A 302 12.55 11.76 -25.41
C ASN A 302 12.68 13.26 -25.17
N LYS A 303 12.43 14.05 -26.20
CA LYS A 303 12.52 15.50 -26.12
C LYS A 303 11.48 16.11 -25.20
N ASN A 304 10.44 15.35 -24.82
CA ASN A 304 9.37 15.83 -23.95
C ASN A 304 9.59 15.54 -22.47
N VAL A 305 10.68 14.87 -22.11
CA VAL A 305 10.94 14.50 -20.73
C VAL A 305 12.40 14.81 -20.42
N SER A 306 12.70 15.08 -19.15
CA SER A 306 14.06 15.45 -18.78
C SER A 306 14.98 14.23 -18.90
N ALA A 307 16.03 14.35 -19.71
CA ALA A 307 17.03 13.30 -19.74
C ALA A 307 17.80 13.30 -18.43
N ILE A 308 18.21 12.10 -18.00
CA ILE A 308 19.28 12.01 -17.02
C ILE A 308 20.57 12.37 -17.75
N ASP A 309 21.36 13.22 -17.13
CA ASP A 309 22.56 13.73 -17.75
C ASP A 309 23.71 12.78 -17.42
N TYR A 310 24.19 12.05 -18.43
CA TYR A 310 25.32 11.16 -18.25
C TYR A 310 26.67 11.87 -18.28
N SER A 311 26.71 13.15 -18.68
CA SER A 311 27.99 13.81 -18.87
C SER A 311 28.80 13.90 -17.59
N ILE A 312 28.17 13.74 -16.42
CA ILE A 312 28.91 13.78 -15.16
C ILE A 312 29.35 12.39 -14.73
N GLY A 313 29.01 11.36 -15.49
CA GLY A 313 29.09 10.01 -14.94
C GLY A 313 30.37 9.25 -15.21
N ALA A 314 31.09 9.58 -16.28
CA ALA A 314 32.16 8.71 -16.74
C ALA A 314 33.23 8.51 -15.67
N THR A 315 33.58 9.56 -14.94
CA THR A 315 34.62 9.53 -13.90
C THR A 315 34.03 9.62 -12.51
N LYS A 316 32.72 9.50 -12.37
CA LYS A 316 32.08 9.74 -11.10
C LYS A 316 32.43 8.62 -10.13
N PRO A 317 32.76 8.94 -8.89
CA PRO A 317 33.06 7.88 -7.91
C PRO A 317 31.87 6.97 -7.73
N VAL A 318 32.13 5.79 -7.16
CA VAL A 318 31.08 4.91 -6.65
C VAL A 318 31.01 5.11 -5.14
N TYR A 319 29.83 5.40 -4.61
CA TYR A 319 29.68 5.71 -3.20
C TYR A 319 29.25 4.48 -2.41
N PHE A 320 29.93 4.25 -1.29
CA PHE A 320 29.50 3.29 -0.28
C PHE A 320 28.77 3.95 0.89
N PHE A 321 29.15 5.19 1.25
CA PHE A 321 28.51 5.89 2.37
C PHE A 321 28.81 7.37 2.20
N THR A 322 27.78 8.16 1.86
CA THR A 322 27.98 9.59 1.69
C THR A 322 27.99 10.28 3.05
N GLN A 323 28.79 11.35 3.16
CA GLN A 323 28.73 12.19 4.34
C GLN A 323 27.32 12.72 4.57
N ALA A 324 26.63 13.12 3.49
CA ALA A 324 25.29 13.66 3.65
C ALA A 324 24.37 12.63 4.32
N GLU A 325 24.38 11.39 3.81
CA GLU A 325 23.54 10.36 4.43
C GLU A 325 23.90 10.18 5.89
N LEU A 326 25.19 10.06 6.18
CA LEU A 326 25.64 9.92 7.56
C LEU A 326 25.01 10.99 8.46
N GLN A 327 25.07 12.25 8.00
CA GLN A 327 24.51 13.35 8.80
C GLN A 327 23.00 13.21 8.97
N PHE A 328 22.30 12.76 7.93
CA PHE A 328 20.85 12.59 8.05
C PHE A 328 20.51 11.46 9.00
N LEU A 329 21.36 10.44 9.07
CA LEU A 329 21.13 9.37 10.04
C LEU A 329 21.40 9.86 11.45
N ILE A 330 22.45 10.69 11.62
CA ILE A 330 22.73 11.31 12.90
C ILE A 330 21.57 12.22 13.30
N ALA A 331 21.08 13.02 12.34
CA ALA A 331 19.96 13.91 12.63
C ALA A 331 18.74 13.12 13.10
N GLU A 332 18.46 12.01 12.40
CA GLU A 332 17.35 11.16 12.77
C GLU A 332 17.50 10.64 14.20
N VAL A 333 18.72 10.25 14.57
CA VAL A 333 18.93 9.73 15.92
C VAL A 333 18.69 10.81 16.97
N TYR A 334 19.22 12.01 16.74
CA TYR A 334 18.96 13.09 17.69
C TYR A 334 17.48 13.41 17.79
N ALA A 335 16.77 13.39 16.65
CA ALA A 335 15.36 13.77 16.66
C ALA A 335 14.51 12.72 17.34
N ARG A 336 14.79 11.44 17.11
CA ARG A 336 13.94 10.35 17.56
C ARG A 336 14.28 9.87 18.96
N PHE A 337 15.56 9.83 19.32
CA PHE A 337 15.98 9.10 20.51
C PHE A 337 16.65 9.96 21.56
N HIS A 338 17.12 11.15 21.20
CA HIS A 338 17.69 12.05 22.18
C HIS A 338 16.78 13.22 22.51
N ASN A 339 15.75 13.47 21.70
CA ASN A 339 14.88 14.63 21.84
C ASN A 339 15.72 15.90 22.00
N ASP A 340 16.73 16.01 21.15
CA ASP A 340 17.71 17.08 21.13
C ASP A 340 17.53 17.81 19.80
N ASP A 341 16.67 18.82 19.79
CA ASP A 341 16.33 19.51 18.54
C ASP A 341 17.52 20.26 17.96
N ALA A 342 18.38 20.81 18.82
CA ALA A 342 19.49 21.62 18.35
C ALA A 342 20.53 20.80 17.59
N ASN A 343 20.85 19.61 18.11
CA ASN A 343 21.79 18.76 17.38
C ASN A 343 21.13 18.12 16.16
N ALA A 344 19.82 17.88 16.21
CA ALA A 344 19.13 17.37 15.03
C ALA A 344 19.18 18.39 13.90
N LYS A 345 18.91 19.66 14.20
CA LYS A 345 19.02 20.71 13.19
C LYS A 345 20.43 20.82 12.65
N SER A 346 21.45 20.76 13.53
CA SER A 346 22.83 20.90 13.08
C SER A 346 23.22 19.80 12.11
N ALA A 347 22.86 18.55 12.43
CA ALA A 347 23.22 17.44 11.56
C ALA A 347 22.44 17.49 10.26
N TYR A 348 21.14 17.81 10.35
CA TYR A 348 20.32 18.00 9.15
C TYR A 348 20.98 18.99 8.20
N GLU A 349 21.26 20.19 8.71
CA GLU A 349 21.87 21.22 7.87
C GLU A 349 23.24 20.79 7.38
N ALA A 350 23.99 20.07 8.23
CA ALA A 350 25.27 19.52 7.79
C ALA A 350 25.07 18.58 6.62
N GLY A 351 24.07 17.70 6.70
CA GLY A 351 23.81 16.80 5.59
C GLY A 351 23.48 17.53 4.31
N VAL A 352 22.54 18.48 4.38
CA VAL A 352 22.18 19.25 3.19
C VAL A 352 23.39 20.02 2.67
N THR A 353 24.18 20.59 3.59
CA THR A 353 25.34 21.38 3.18
C THR A 353 26.37 20.51 2.46
N ALA A 354 26.63 19.32 2.98
CA ALA A 354 27.60 18.43 2.33
C ALA A 354 27.15 18.05 0.94
N ASP A 355 25.88 17.72 0.76
CA ASP A 355 25.42 17.29 -0.56
C ASP A 355 25.45 18.46 -1.54
N PHE A 356 25.09 19.65 -1.08
CA PHE A 356 25.21 20.82 -1.93
C PHE A 356 26.64 20.96 -2.43
N ALA A 357 27.62 20.73 -1.56
CA ALA A 357 29.01 20.89 -1.95
C ALA A 357 29.45 19.84 -2.97
N VAL A 358 29.02 18.57 -2.78
CA VAL A 358 29.49 17.51 -3.66
C VAL A 358 28.98 17.73 -5.08
N ARG A 359 27.75 18.24 -5.22
CA ARG A 359 27.15 18.51 -6.53
C ARG A 359 27.66 19.80 -7.17
N GLY A 360 28.52 20.55 -6.49
CA GLY A 360 29.06 21.77 -7.09
C GLY A 360 28.28 23.03 -6.77
N PHE A 361 27.51 23.02 -5.68
CA PHE A 361 26.68 24.14 -5.31
C PHE A 361 27.02 24.63 -3.91
N ALA A 362 28.29 24.52 -3.52
CA ALA A 362 28.73 24.90 -2.19
C ALA A 362 28.33 26.34 -1.89
N GLY A 363 27.76 26.55 -0.70
CA GLY A 363 27.32 27.87 -0.29
C GLY A 363 25.90 28.23 -0.69
N GLN A 364 25.28 27.46 -1.57
CA GLN A 364 23.92 27.73 -1.98
C GLN A 364 22.89 26.95 -1.19
N GLU A 365 23.32 26.20 -0.17
CA GLU A 365 22.38 25.35 0.57
C GLU A 365 21.30 26.15 1.29
N ASN A 366 21.55 27.43 1.61
CA ASN A 366 20.51 28.21 2.26
C ASN A 366 19.30 28.45 1.37
N THR A 367 19.43 28.24 0.05
CA THR A 367 18.28 28.37 -0.82
C THR A 367 17.14 27.46 -0.39
N ILE A 368 17.44 26.32 0.24
CA ILE A 368 16.42 25.47 0.81
C ILE A 368 16.45 25.45 2.34
N LEU A 369 17.62 25.60 2.95
CA LEU A 369 17.71 25.61 4.42
C LEU A 369 17.08 26.86 5.02
N GLU A 370 16.92 27.92 4.23
CA GLU A 370 16.18 29.10 4.65
C GLU A 370 14.95 29.32 3.79
N GLY A 371 14.56 28.29 3.03
CA GLY A 371 13.40 28.35 2.18
C GLY A 371 12.47 27.19 2.48
N ALA A 372 12.12 26.42 1.45
CA ALA A 372 11.09 25.39 1.58
C ALA A 372 11.42 24.37 2.66
N CYS A 373 12.71 24.13 2.91
CA CYS A 373 13.14 23.04 3.77
C CYS A 373 13.83 23.53 5.03
N ALA A 374 13.46 24.72 5.48
CA ALA A 374 14.03 25.27 6.70
C ALA A 374 13.57 24.43 7.89
N TRP A 375 14.51 24.07 8.77
CA TRP A 375 14.17 23.35 9.99
C TRP A 375 13.14 24.11 10.82
N SER A 376 13.31 25.43 10.91
CA SER A 376 12.39 26.26 11.69
C SER A 376 10.97 26.17 11.20
N ALA A 377 10.78 25.88 9.92
CA ALA A 377 9.44 25.76 9.33
C ALA A 377 8.75 24.45 9.71
N ALA A 378 9.50 23.47 10.22
CA ALA A 378 8.93 22.21 10.65
C ALA A 378 8.61 22.28 12.14
N SER A 379 7.37 22.00 12.49
CA SER A 379 6.90 22.13 13.87
C SER A 379 6.94 20.81 14.63
N THR A 380 6.29 19.78 14.10
CA THR A 380 6.21 18.51 14.80
C THR A 380 7.43 17.66 14.48
N GLN A 381 7.66 16.64 15.33
CA GLN A 381 8.72 15.69 15.03
C GLN A 381 8.48 15.01 13.69
N ALA A 382 7.22 14.74 13.34
CA ALA A 382 6.93 14.15 12.04
C ALA A 382 7.39 15.08 10.91
N ASP A 383 7.11 16.37 11.06
CA ASP A 383 7.55 17.32 10.03
C ASP A 383 9.06 17.35 9.91
N LYS A 384 9.77 17.31 11.06
CA LYS A 384 11.22 17.33 11.03
C LYS A 384 11.77 16.05 10.43
N LEU A 385 11.18 14.90 10.79
CA LEU A 385 11.65 13.63 10.21
C LEU A 385 11.40 13.60 8.71
N ASN A 386 10.26 14.13 8.26
CA ASN A 386 10.01 14.24 6.83
C ASN A 386 11.11 15.04 6.13
N LEU A 387 11.48 16.20 6.70
CA LEU A 387 12.61 16.96 6.13
C LEU A 387 13.85 16.09 6.03
N ILE A 388 14.21 15.42 7.12
CA ILE A 388 15.43 14.61 7.13
C ILE A 388 15.33 13.53 6.07
N TYR A 389 14.22 12.80 6.08
CA TYR A 389 14.07 11.69 5.14
C TYR A 389 14.01 12.18 3.70
N MET A 390 13.30 13.29 3.44
CA MET A 390 13.20 13.78 2.06
C MET A 390 14.56 14.29 1.59
N GLN A 391 15.30 14.96 2.49
CA GLN A 391 16.58 15.53 2.08
C GLN A 391 17.63 14.44 1.94
N LYS A 392 17.54 13.37 2.74
CA LYS A 392 18.41 12.21 2.51
C LYS A 392 18.16 11.62 1.13
N TRP A 393 16.87 11.45 0.79
CA TRP A 393 16.51 10.89 -0.49
C TRP A 393 17.03 11.74 -1.64
N VAL A 394 16.90 13.07 -1.55
CA VAL A 394 17.49 13.93 -2.58
C VAL A 394 19.00 13.70 -2.66
N SER A 395 19.67 13.60 -1.51
CA SER A 395 21.13 13.54 -1.53
C SER A 395 21.64 12.22 -2.07
N LEU A 396 20.85 11.16 -2.02
CA LEU A 396 21.34 9.89 -2.55
C LEU A 396 21.15 9.77 -4.06
N PHE A 397 20.36 10.65 -4.68
CA PHE A 397 20.22 10.63 -6.13
C PHE A 397 21.56 10.83 -6.80
N TYR A 398 21.90 9.95 -7.75
CA TYR A 398 23.16 9.99 -8.50
C TYR A 398 24.37 9.84 -7.58
N MET A 399 24.19 9.19 -6.42
CA MET A 399 25.28 8.91 -5.49
C MET A 399 25.21 7.44 -5.06
N ASP A 400 24.09 7.03 -4.47
CA ASP A 400 23.97 5.69 -3.88
C ASP A 400 22.51 5.24 -3.87
N HIS A 401 22.08 4.70 -5.01
CA HIS A 401 20.68 4.38 -5.18
C HIS A 401 20.27 3.18 -4.35
N MET A 402 21.15 2.20 -4.22
CA MET A 402 20.83 1.04 -3.41
C MET A 402 20.44 1.47 -2.00
N GLU A 403 21.25 2.33 -1.40
CA GLU A 403 20.95 2.82 -0.06
C GLU A 403 19.64 3.60 -0.06
N ALA A 404 19.40 4.43 -1.08
CA ALA A 404 18.18 5.21 -1.13
C ALA A 404 16.97 4.30 -1.08
N TRP A 405 16.97 3.24 -1.89
CA TRP A 405 15.86 2.30 -1.90
C TRP A 405 15.70 1.64 -0.53
N SER A 406 16.81 1.28 0.11
CA SER A 406 16.74 0.69 1.45
C SER A 406 16.17 1.66 2.48
N GLU A 407 16.59 2.94 2.42
CA GLU A 407 16.12 3.90 3.39
C GLU A 407 14.65 4.24 3.15
N ILE A 408 14.22 4.30 1.89
CA ILE A 408 12.80 4.40 1.61
C ILE A 408 12.05 3.25 2.25
N ARG A 409 12.53 2.02 2.05
CA ARG A 409 11.87 0.85 2.61
C ARG A 409 11.84 0.91 4.14
N ARG A 410 12.93 1.33 4.78
CA ARG A 410 12.93 1.36 6.24
C ARG A 410 11.99 2.44 6.75
N THR A 411 12.20 3.69 6.31
CA THR A 411 11.47 4.82 6.89
C THR A 411 10.13 5.03 6.22
N ASP A 412 9.91 4.46 5.03
CA ASP A 412 8.70 4.69 4.25
C ASP A 412 8.47 6.18 4.01
N CYS A 413 9.56 6.86 3.72
CA CYS A 413 9.56 8.27 3.39
C CYS A 413 10.66 8.46 2.37
N PRO A 414 10.36 9.09 1.22
CA PRO A 414 9.10 9.71 0.80
C PRO A 414 7.89 8.77 0.89
N LYS A 415 6.75 9.31 1.31
CA LYS A 415 5.54 8.53 1.47
C LYS A 415 5.00 8.08 0.11
N LEU A 416 4.32 6.93 0.10
CA LEU A 416 3.63 6.49 -1.10
C LEU A 416 2.39 7.34 -1.32
N SER A 417 2.27 7.95 -2.50
CA SER A 417 1.11 8.78 -2.76
C SER A 417 -0.18 7.97 -2.65
N SER A 418 -1.19 8.59 -2.04
CA SER A 418 -2.53 8.04 -2.03
C SER A 418 -3.17 8.01 -3.41
N TYR A 419 -2.60 8.69 -4.39
CA TYR A 419 -3.20 8.79 -5.71
C TYR A 419 -2.42 7.92 -6.70
N SER A 420 -3.16 7.29 -7.61
CA SER A 420 -2.52 6.51 -8.66
C SER A 420 -1.83 7.42 -9.68
N ALA A 421 -0.94 6.82 -10.46
CA ALA A 421 -0.29 7.57 -11.53
C ALA A 421 -1.32 8.17 -12.50
N ALA A 422 -2.38 7.43 -12.80
CA ALA A 422 -3.36 7.95 -13.74
C ALA A 422 -4.11 9.13 -13.14
N GLN A 423 -4.41 9.06 -11.84
CA GLN A 423 -5.07 10.19 -11.18
C GLN A 423 -4.17 11.42 -11.19
N ILE A 424 -2.89 11.22 -10.93
CA ILE A 424 -1.95 12.35 -10.93
C ILE A 424 -1.82 12.92 -12.33
N GLN A 425 -1.69 12.05 -13.34
CA GLN A 425 -1.56 12.57 -14.70
C GLN A 425 -2.80 13.36 -15.10
N ALA A 426 -3.98 12.92 -14.66
CA ALA A 426 -5.21 13.61 -15.04
C ALA A 426 -5.41 14.92 -14.30
N SER A 427 -4.80 15.09 -13.13
CA SER A 427 -5.02 16.27 -12.30
C SER A 427 -3.85 16.38 -11.31
N GLU A 428 -2.79 17.08 -11.73
CA GLU A 428 -1.56 17.05 -10.95
C GLU A 428 -1.70 17.76 -9.60
N SER A 429 -2.73 18.57 -9.42
CA SER A 429 -2.97 19.25 -8.15
C SER A 429 -3.24 18.29 -6.99
N VAL A 430 -3.64 17.05 -7.26
CA VAL A 430 -3.89 16.11 -6.16
C VAL A 430 -2.60 15.64 -5.54
N TYR A 431 -1.49 15.75 -6.27
CA TYR A 431 -0.24 15.14 -5.87
C TYR A 431 0.52 16.02 -4.88
N THR A 432 1.23 15.38 -3.96
CA THR A 432 2.11 16.08 -3.03
C THR A 432 3.53 15.91 -3.53
N PRO A 433 4.22 16.99 -3.94
CA PRO A 433 5.53 16.83 -4.57
C PRO A 433 6.47 15.99 -3.71
N GLY A 434 7.17 15.07 -4.35
CA GLY A 434 8.12 14.24 -3.67
C GLY A 434 7.57 12.92 -3.19
N GLU A 435 6.27 12.73 -3.12
CA GLU A 435 5.76 11.42 -2.74
C GLU A 435 6.00 10.42 -3.87
N LEU A 436 6.19 9.16 -3.47
CA LEU A 436 6.38 8.11 -4.45
C LEU A 436 5.04 7.77 -5.09
N VAL A 437 5.10 7.16 -6.27
CA VAL A 437 3.91 6.83 -7.04
C VAL A 437 4.03 5.38 -7.47
N ALA A 438 3.06 4.55 -7.08
CA ALA A 438 3.08 3.16 -7.51
C ALA A 438 3.09 3.11 -9.03
N PRO A 439 3.94 2.30 -9.64
CA PRO A 439 4.09 2.33 -11.10
C PRO A 439 2.75 2.15 -11.83
N TRP A 440 2.57 2.95 -12.87
CA TRP A 440 1.31 3.00 -13.60
C TRP A 440 0.96 1.62 -14.15
N THR A 441 1.87 1.03 -14.92
CA THR A 441 1.86 -0.42 -15.12
C THR A 441 2.68 -1.02 -14.00
N ASN A 442 2.12 -2.04 -13.34
CA ASN A 442 2.76 -2.62 -12.15
C ASN A 442 2.60 -4.13 -12.19
N GLY A 443 3.69 -4.84 -12.51
CA GLY A 443 3.65 -6.29 -12.58
C GLY A 443 3.44 -7.00 -11.25
N LEU A 444 3.54 -6.29 -10.13
CA LEU A 444 3.27 -6.94 -8.84
C LEU A 444 1.79 -7.23 -8.69
N GLU A 445 1.45 -8.48 -8.39
CA GLU A 445 0.04 -8.84 -8.22
C GLU A 445 -0.59 -8.02 -7.11
N ALA A 446 0.18 -7.74 -6.06
CA ALA A 446 -0.35 -6.95 -4.95
C ALA A 446 -0.26 -5.45 -5.18
N GLY A 447 0.33 -5.01 -6.29
CA GLY A 447 0.57 -3.59 -6.46
C GLY A 447 1.65 -3.09 -5.50
N GLY A 448 1.66 -1.76 -5.30
CA GLY A 448 2.55 -1.13 -4.35
C GLY A 448 3.97 -1.02 -4.88
N LEU A 449 4.88 -0.71 -3.96
CA LEU A 449 6.27 -0.43 -4.30
C LEU A 449 7.08 -1.72 -4.28
N MET A 450 8.21 -1.70 -4.98
CA MET A 450 9.11 -2.86 -4.96
C MET A 450 9.76 -3.00 -3.59
N LYS A 451 9.59 -4.16 -2.98
CA LYS A 451 10.11 -4.38 -1.64
C LYS A 451 11.39 -5.19 -1.61
N ARG A 452 11.68 -5.95 -2.67
CA ARG A 452 12.91 -6.75 -2.73
C ARG A 452 13.24 -7.03 -4.18
N MET A 453 14.44 -7.59 -4.39
CA MET A 453 14.91 -8.15 -5.65
C MET A 453 14.74 -9.67 -5.61
N THR A 454 14.62 -10.29 -6.80
CA THR A 454 14.51 -11.75 -6.90
C THR A 454 15.82 -12.42 -6.50
N TYR A 455 15.72 -13.69 -6.08
CA TYR A 455 16.93 -14.47 -5.89
C TYR A 455 17.66 -14.66 -7.22
N PRO A 456 18.99 -14.58 -7.23
CA PRO A 456 19.73 -14.77 -8.49
C PRO A 456 19.38 -16.07 -9.18
N LEU A 457 19.13 -15.98 -10.50
CA LEU A 457 18.78 -17.18 -11.25
C LEU A 457 19.91 -18.21 -11.18
N SER A 458 21.17 -17.75 -11.19
CA SER A 458 22.28 -18.69 -11.05
C SER A 458 22.17 -19.49 -9.75
N ALA A 459 21.74 -18.83 -8.66
CA ALA A 459 21.57 -19.54 -7.39
C ALA A 459 20.44 -20.56 -7.50
N ARG A 460 19.34 -20.20 -8.15
CA ARG A 460 18.26 -21.15 -8.36
C ARG A 460 18.76 -22.37 -9.13
N GLN A 461 19.59 -22.14 -10.15
CA GLN A 461 20.02 -23.26 -10.99
C GLN A 461 21.02 -24.15 -10.26
N GLN A 462 21.90 -23.57 -9.44
CA GLN A 462 23.03 -24.31 -8.91
C GLN A 462 22.88 -24.71 -7.45
N ASN A 463 21.96 -24.10 -6.71
CA ASN A 463 21.88 -24.29 -5.26
C ASN A 463 20.43 -24.56 -4.89
N VAL A 464 20.11 -25.85 -4.66
CA VAL A 464 18.75 -26.25 -4.31
C VAL A 464 18.31 -25.64 -2.99
N ASN A 465 19.25 -25.17 -2.17
CA ASN A 465 18.94 -24.52 -0.90
C ASN A 465 18.56 -23.05 -1.05
N THR A 466 18.59 -22.52 -2.27
CA THR A 466 18.17 -21.14 -2.49
C THR A 466 16.70 -21.02 -2.12
N PRO A 467 16.33 -20.05 -1.28
CA PRO A 467 14.93 -19.96 -0.86
C PRO A 467 14.00 -19.86 -2.06
N ALA A 468 12.80 -20.41 -1.91
CA ALA A 468 11.79 -20.32 -2.95
C ALA A 468 11.51 -18.86 -3.29
N GLY A 469 11.28 -18.60 -4.58
CA GLY A 469 10.99 -17.24 -5.00
C GLY A 469 9.71 -16.72 -4.37
N VAL A 470 9.70 -15.42 -4.10
CA VAL A 470 8.51 -14.75 -3.59
C VAL A 470 8.27 -13.51 -4.44
N PRO A 471 7.05 -12.96 -4.42
CA PRO A 471 6.80 -11.75 -5.21
C PRO A 471 7.64 -10.59 -4.71
N GLY A 472 7.90 -9.64 -5.61
CA GLY A 472 8.67 -8.45 -5.25
C GLY A 472 8.03 -7.61 -4.16
N SER A 473 6.74 -7.84 -3.87
CA SER A 473 6.04 -7.17 -2.79
C SER A 473 6.32 -7.77 -1.42
N THR A 474 7.03 -8.91 -1.36
CA THR A 474 7.36 -9.52 -0.08
C THR A 474 8.59 -8.84 0.51
N PRO A 475 8.49 -8.21 1.67
CA PRO A 475 9.58 -7.37 2.15
C PRO A 475 10.75 -8.20 2.67
N VAL A 476 11.90 -7.55 2.77
CA VAL A 476 13.03 -8.14 3.47
C VAL A 476 12.79 -8.08 4.98
N TRP A 477 13.57 -8.84 5.74
CA TRP A 477 13.29 -9.05 7.17
C TRP A 477 13.19 -7.74 7.95
N TRP A 478 13.99 -6.73 7.61
CA TRP A 478 13.95 -5.52 8.42
C TRP A 478 12.85 -4.55 8.00
N ASP A 479 12.08 -4.88 6.97
CA ASP A 479 11.04 -4.01 6.45
C ASP A 479 9.69 -4.60 6.89
N ILE A 480 9.14 -4.09 7.99
CA ILE A 480 7.98 -4.72 8.61
C ILE A 480 6.72 -3.87 8.52
N LYS A 481 6.79 -2.66 7.97
CA LYS A 481 5.63 -1.79 7.82
C LYS A 481 5.68 -1.19 6.42
N THR B 19 -45.02 -22.73 -7.06
CA THR B 19 -45.34 -21.47 -7.72
C THR B 19 -44.28 -20.42 -7.42
N ALA B 20 -44.13 -19.49 -8.37
CA ALA B 20 -43.22 -18.36 -8.16
C ALA B 20 -43.52 -17.65 -6.85
N ASP B 21 -44.80 -17.53 -6.49
CA ASP B 21 -45.21 -16.83 -5.27
C ASP B 21 -44.56 -17.42 -4.03
N LEU B 22 -44.45 -18.74 -3.97
CA LEU B 22 -43.88 -19.40 -2.80
C LEU B 22 -42.36 -19.34 -2.76
N ILE B 23 -41.70 -19.15 -3.90
CA ILE B 23 -40.25 -19.17 -3.98
C ILE B 23 -39.66 -17.77 -3.90
N PHE B 24 -40.31 -16.81 -4.54
CA PHE B 24 -39.74 -15.46 -4.63
C PHE B 24 -39.31 -14.86 -3.30
N PRO B 25 -40.05 -14.97 -2.20
CA PRO B 25 -39.57 -14.36 -0.96
C PRO B 25 -38.26 -14.94 -0.48
N SER B 26 -37.95 -16.20 -0.78
CA SER B 26 -36.71 -16.79 -0.30
C SER B 26 -35.48 -16.17 -0.95
N ILE B 27 -35.64 -15.52 -2.11
CA ILE B 27 -34.49 -14.95 -2.79
C ILE B 27 -33.87 -13.86 -1.93
N SER B 28 -34.65 -12.85 -1.58
CA SER B 28 -34.11 -11.79 -0.74
C SER B 28 -33.79 -12.28 0.67
N ALA B 29 -34.51 -13.28 1.17
CA ALA B 29 -34.16 -13.82 2.49
C ALA B 29 -32.77 -14.45 2.47
N SER B 30 -32.48 -15.21 1.41
CA SER B 30 -31.17 -15.83 1.31
C SER B 30 -30.08 -14.77 1.09
N ILE B 31 -30.32 -13.80 0.22
CA ILE B 31 -29.33 -12.73 0.00
C ILE B 31 -29.09 -11.99 1.30
N ALA B 32 -30.17 -11.66 2.02
CA ALA B 32 -30.03 -10.94 3.28
C ALA B 32 -29.19 -11.72 4.28
N SER B 33 -29.36 -13.04 4.31
CA SER B 33 -28.64 -13.86 5.27
C SER B 33 -27.13 -13.81 5.01
N ALA B 34 -26.72 -13.76 3.74
CA ALA B 34 -25.30 -13.63 3.39
C ALA B 34 -24.81 -12.19 3.54
N VAL B 35 -25.47 -11.25 2.84
CA VAL B 35 -24.93 -9.89 2.76
C VAL B 35 -25.14 -9.12 4.06
N GLY B 36 -26.11 -9.50 4.87
CA GLY B 36 -26.34 -8.87 6.15
C GLY B 36 -25.83 -9.69 7.31
N GLY B 37 -25.25 -10.85 7.04
CA GLY B 37 -24.82 -11.74 8.09
C GLY B 37 -23.33 -12.02 7.98
N GLU B 38 -22.98 -13.19 7.44
CA GLU B 38 -21.58 -13.60 7.37
C GLU B 38 -20.73 -12.60 6.58
N ILE B 39 -21.18 -12.18 5.41
CA ILE B 39 -20.37 -11.27 4.60
C ILE B 39 -20.25 -9.93 5.29
N TYR B 40 -21.39 -9.37 5.69
CA TYR B 40 -21.44 -8.16 6.49
C TYR B 40 -20.44 -8.23 7.64
N ASN B 41 -20.37 -9.37 8.32
CA ASN B 41 -19.48 -9.49 9.46
C ASN B 41 -18.04 -9.27 9.06
N TYR B 42 -17.53 -10.05 8.09
CA TYR B 42 -16.11 -9.88 7.80
C TYR B 42 -15.82 -8.57 7.09
N ALA B 43 -16.76 -8.06 6.28
CA ALA B 43 -16.51 -6.79 5.62
C ALA B 43 -16.40 -5.64 6.62
N GLY B 44 -17.07 -5.74 7.76
CA GLY B 44 -16.94 -4.69 8.77
C GLY B 44 -15.54 -4.62 9.36
N PHE B 45 -14.83 -5.74 9.42
CA PHE B 45 -13.43 -5.69 9.83
C PHE B 45 -12.59 -5.07 8.72
N PHE B 46 -12.87 -5.44 7.47
CA PHE B 46 -12.10 -4.92 6.34
C PHE B 46 -12.36 -3.44 6.13
N ALA B 47 -13.58 -2.98 6.40
CA ALA B 47 -13.89 -1.56 6.35
C ALA B 47 -13.44 -0.85 7.61
N GLN B 48 -12.95 -1.61 8.59
CA GLN B 48 -12.31 -1.09 9.82
C GLN B 48 -13.30 -0.30 10.66
N TYR B 49 -14.52 -0.84 10.75
CA TYR B 49 -15.51 -0.33 11.67
C TYR B 49 -15.32 -0.89 13.06
N TYR B 50 -14.94 -2.16 13.14
CA TYR B 50 -14.87 -2.82 14.44
C TYR B 50 -13.70 -3.78 14.45
N GLU B 51 -13.49 -4.37 15.62
CA GLU B 51 -12.29 -5.13 15.93
C GLU B 51 -12.65 -6.23 16.93
N GLN B 52 -11.65 -7.05 17.28
CA GLN B 52 -11.86 -8.17 18.19
C GLN B 52 -11.76 -7.70 19.63
N LYS B 53 -12.82 -7.92 20.42
CA LYS B 53 -12.77 -7.63 21.84
C LYS B 53 -11.55 -8.31 22.45
N PRO B 54 -10.79 -7.61 23.28
CA PRO B 54 -9.55 -8.17 23.82
C PRO B 54 -9.69 -9.52 24.53
N GLU B 55 -10.84 -9.76 25.18
CA GLU B 55 -10.96 -10.93 26.04
C GLU B 55 -11.50 -12.14 25.31
N SER B 56 -11.62 -12.12 24.00
CA SER B 56 -12.02 -13.31 23.27
C SER B 56 -11.25 -13.36 21.96
N ASN B 57 -11.53 -14.40 21.16
CA ASN B 57 -10.69 -14.72 20.02
C ASN B 57 -11.48 -15.05 18.76
N GLN B 58 -12.81 -14.91 18.77
CA GLN B 58 -13.62 -15.42 17.66
C GLN B 58 -13.14 -14.91 16.30
N TYR B 59 -12.76 -13.64 16.21
CA TYR B 59 -12.52 -13.02 14.92
C TYR B 59 -11.07 -12.61 14.75
N ASN B 60 -10.14 -13.20 15.51
CA ASN B 60 -8.72 -12.88 15.37
C ASN B 60 -8.26 -12.97 13.92
N THR B 61 -8.60 -14.06 13.25
CA THR B 61 -8.03 -14.30 11.93
C THR B 61 -8.57 -13.32 10.92
N LEU B 62 -9.79 -12.81 11.14
CA LEU B 62 -10.29 -11.74 10.27
C LEU B 62 -9.60 -10.41 10.57
N CYS B 63 -9.49 -10.05 11.85
CA CYS B 63 -8.81 -8.81 12.25
C CYS B 63 -7.37 -8.78 11.81
N GLU B 64 -6.69 -9.93 11.86
CA GLU B 64 -5.25 -10.00 11.62
C GLU B 64 -4.91 -10.49 10.21
N TYR B 65 -5.92 -10.73 9.37
CA TYR B 65 -5.72 -11.17 7.99
C TYR B 65 -4.94 -12.49 7.95
N THR B 66 -5.22 -13.39 8.88
CA THR B 66 -4.51 -14.65 8.88
C THR B 66 -5.38 -15.81 8.40
N PHE B 67 -6.61 -15.53 7.99
CA PHE B 67 -7.46 -16.60 7.48
C PHE B 67 -6.95 -17.02 6.11
N THR B 68 -7.20 -18.28 5.77
CA THR B 68 -6.80 -18.82 4.49
C THR B 68 -8.03 -19.35 3.76
N GLU B 69 -7.82 -19.83 2.53
CA GLU B 69 -8.89 -20.49 1.80
C GLU B 69 -9.56 -21.55 2.65
N SER B 70 -8.74 -22.34 3.37
CA SER B 70 -9.22 -23.42 4.24
C SER B 70 -10.16 -22.93 5.33
N SER B 71 -10.06 -21.66 5.73
CA SER B 71 -10.86 -21.09 6.80
C SER B 71 -12.34 -20.99 6.48
N GLN B 72 -12.72 -21.08 5.20
CA GLN B 72 -14.15 -21.13 4.80
C GLN B 72 -14.91 -19.89 5.25
N GLN B 73 -14.28 -18.71 5.16
CA GLN B 73 -14.91 -17.53 5.74
C GLN B 73 -16.18 -17.12 4.99
N MET B 74 -16.37 -17.58 3.75
CA MET B 74 -17.57 -17.22 3.00
C MET B 74 -18.26 -18.46 2.42
N ASP B 75 -17.94 -19.66 2.91
CA ASP B 75 -18.54 -20.86 2.37
C ASP B 75 -20.06 -20.84 2.55
N TYR B 76 -20.53 -20.48 3.75
CA TYR B 76 -21.96 -20.41 3.98
C TYR B 76 -22.63 -19.45 3.00
N SER B 77 -22.06 -18.23 2.89
CA SER B 77 -22.65 -17.19 2.05
C SER B 77 -22.69 -17.65 0.60
N TYR B 78 -21.63 -18.32 0.15
CA TYR B 78 -21.61 -18.81 -1.22
C TYR B 78 -22.73 -19.82 -1.44
N ARG B 79 -22.93 -20.73 -0.49
CA ARG B 79 -23.99 -21.71 -0.64
C ARG B 79 -25.35 -21.05 -0.67
N ILE B 80 -25.59 -20.12 0.25
CA ILE B 80 -26.94 -19.55 0.34
C ILE B 80 -27.18 -18.58 -0.81
N LEU B 81 -26.14 -17.96 -1.36
CA LEU B 81 -26.32 -17.11 -2.54
C LEU B 81 -26.64 -17.94 -3.77
N PHE B 82 -25.96 -19.07 -3.95
CA PHE B 82 -26.05 -19.83 -5.19
C PHE B 82 -27.04 -20.99 -5.08
N ALA B 83 -26.82 -21.88 -4.11
CA ALA B 83 -27.80 -22.96 -3.92
C ALA B 83 -29.14 -22.41 -3.44
N GLY B 84 -29.14 -21.25 -2.78
CA GLY B 84 -30.34 -20.64 -2.24
C GLY B 84 -30.90 -19.62 -3.22
N ALA B 85 -30.36 -18.39 -3.18
CA ALA B 85 -31.01 -17.25 -3.82
C ALA B 85 -31.07 -17.40 -5.33
N LEU B 86 -29.94 -17.72 -5.96
CA LEU B 86 -29.91 -17.79 -7.43
C LEU B 86 -30.67 -19.01 -7.95
N GLU B 87 -30.65 -20.11 -7.21
CA GLU B 87 -31.48 -21.24 -7.57
C GLU B 87 -32.96 -20.90 -7.43
N ASP B 88 -33.34 -20.21 -6.36
CA ASP B 88 -34.73 -19.77 -6.23
C ASP B 88 -35.10 -18.83 -7.37
N ALA B 89 -34.20 -17.91 -7.72
CA ALA B 89 -34.49 -16.98 -8.81
C ALA B 89 -34.65 -17.71 -10.12
N LYS B 90 -33.82 -18.73 -10.36
CA LYS B 90 -33.98 -19.55 -11.55
C LYS B 90 -35.37 -20.16 -11.59
N GLN B 91 -35.80 -20.77 -10.48
CA GLN B 91 -37.12 -21.39 -10.45
C GLN B 91 -38.22 -20.37 -10.69
N VAL B 92 -38.11 -19.18 -10.09
CA VAL B 92 -39.11 -18.14 -10.33
C VAL B 92 -39.21 -17.82 -11.80
N LEU B 93 -38.05 -17.62 -12.46
CA LEU B 93 -38.03 -17.25 -13.87
C LEU B 93 -38.49 -18.38 -14.78
N GLU B 94 -38.43 -19.63 -14.31
CA GLU B 94 -39.04 -20.73 -15.05
C GLU B 94 -40.54 -20.83 -14.80
N LYS B 95 -41.08 -20.11 -13.82
CA LYS B 95 -42.43 -20.36 -13.35
C LYS B 95 -43.41 -19.21 -13.54
N THR B 96 -42.96 -18.00 -13.88
CA THR B 96 -43.89 -16.89 -14.08
C THR B 96 -43.51 -16.11 -15.32
N THR B 97 -44.53 -15.64 -16.04
CA THR B 97 -44.35 -14.78 -17.21
C THR B 97 -44.59 -13.32 -16.91
N ASN B 98 -45.04 -12.98 -15.69
CA ASN B 98 -45.32 -11.61 -15.30
C ASN B 98 -44.03 -10.78 -15.36
N PRO B 99 -43.94 -9.84 -16.30
CA PRO B 99 -42.66 -9.11 -16.47
C PRO B 99 -42.22 -8.35 -15.23
N ALA B 100 -43.16 -7.77 -14.48
CA ALA B 100 -42.76 -7.05 -13.27
C ALA B 100 -42.17 -7.99 -12.24
N ASP B 101 -42.71 -9.22 -12.14
CA ASP B 101 -42.13 -10.20 -11.24
C ASP B 101 -40.77 -10.68 -11.74
N ARG B 102 -40.67 -10.93 -13.05
CA ARG B 102 -39.38 -11.25 -13.65
C ARG B 102 -38.37 -10.14 -13.42
N PHE B 103 -38.81 -8.88 -13.51
CA PHE B 103 -37.92 -7.74 -13.31
C PHE B 103 -37.32 -7.75 -11.90
N ALA B 104 -38.18 -7.78 -10.88
CA ALA B 104 -37.69 -7.82 -9.50
C ALA B 104 -36.78 -9.01 -9.27
N THR B 105 -37.14 -10.17 -9.82
CA THR B 105 -36.31 -11.37 -9.66
C THR B 105 -34.95 -11.18 -10.31
N THR B 106 -34.92 -10.61 -11.51
CA THR B 106 -33.66 -10.37 -12.21
C THR B 106 -32.79 -9.37 -11.46
N ILE B 107 -33.41 -8.38 -10.82
CA ILE B 107 -32.64 -7.40 -10.05
C ILE B 107 -31.99 -8.06 -8.84
N LEU B 108 -32.75 -8.88 -8.11
CA LEU B 108 -32.18 -9.59 -6.98
C LEU B 108 -31.08 -10.53 -7.45
N ARG B 109 -31.30 -11.21 -8.58
CA ARG B 109 -30.29 -12.10 -9.13
C ARG B 109 -29.01 -11.33 -9.47
N ALA B 110 -29.16 -10.17 -10.11
CA ALA B 110 -28.00 -9.34 -10.43
C ALA B 110 -27.24 -8.97 -9.16
N TYR B 111 -27.96 -8.48 -8.15
CA TYR B 111 -27.34 -8.08 -6.90
C TYR B 111 -26.57 -9.25 -6.28
N ALA B 112 -27.14 -10.46 -6.32
CA ALA B 112 -26.43 -11.63 -5.78
C ALA B 112 -25.08 -11.83 -6.48
N PHE B 113 -25.08 -11.76 -7.82
CA PHE B 113 -23.82 -11.88 -8.54
C PHE B 113 -22.89 -10.72 -8.23
N GLN B 114 -23.44 -9.52 -8.11
CA GLN B 114 -22.65 -8.35 -7.76
C GLN B 114 -21.89 -8.55 -6.46
N ILE B 115 -22.59 -9.07 -5.43
CA ILE B 115 -21.96 -9.38 -4.16
C ILE B 115 -20.85 -10.39 -4.36
N MET B 116 -21.12 -11.45 -5.12
CA MET B 116 -20.14 -12.50 -5.28
C MET B 116 -18.90 -11.98 -6.01
N VAL B 117 -19.12 -11.25 -7.10
CA VAL B 117 -18.01 -10.66 -7.84
C VAL B 117 -17.20 -9.74 -6.93
N ASP B 118 -17.88 -8.97 -6.09
CA ASP B 118 -17.15 -8.05 -5.24
C ASP B 118 -16.33 -8.76 -4.18
N ASN B 119 -16.52 -10.06 -3.99
CA ASN B 119 -15.73 -10.83 -3.02
C ASN B 119 -14.58 -11.58 -3.67
N THR B 120 -14.87 -12.35 -4.72
CA THR B 120 -13.89 -13.24 -5.32
C THR B 120 -13.49 -12.81 -6.72
N SER B 121 -14.01 -11.67 -7.21
CA SER B 121 -13.78 -11.15 -8.56
C SER B 121 -14.42 -12.05 -9.60
N ASP B 122 -13.97 -13.30 -9.72
CA ASP B 122 -14.61 -14.26 -10.61
C ASP B 122 -15.87 -14.83 -9.96
N SER B 123 -16.74 -15.39 -10.78
CA SER B 123 -17.94 -16.03 -10.25
C SER B 123 -18.49 -16.97 -11.29
N PRO B 124 -19.03 -18.13 -10.89
CA PRO B 124 -19.89 -18.86 -11.81
C PRO B 124 -20.98 -17.92 -12.28
N TYR B 125 -21.26 -17.93 -13.58
CA TYR B 125 -22.31 -17.08 -14.12
C TYR B 125 -22.93 -17.71 -15.37
N SER B 126 -22.23 -17.65 -16.51
CA SER B 126 -22.80 -18.20 -17.74
C SER B 126 -23.09 -19.70 -17.62
N GLU B 127 -22.32 -20.42 -16.80
CA GLU B 127 -22.52 -21.86 -16.62
C GLU B 127 -23.10 -22.21 -15.27
N ALA B 128 -23.51 -21.21 -14.48
CA ALA B 128 -24.03 -21.50 -13.16
C ALA B 128 -25.43 -22.12 -13.24
N LEU B 129 -25.83 -22.76 -12.15
CA LEU B 129 -27.22 -23.19 -11.95
C LEU B 129 -27.66 -24.24 -12.96
N GLN B 130 -26.76 -25.12 -13.39
CA GLN B 130 -27.09 -26.15 -14.38
C GLN B 130 -27.32 -27.54 -13.77
N GLY B 131 -27.25 -27.66 -12.44
CA GLY B 131 -27.45 -28.97 -11.83
C GLY B 131 -26.39 -29.97 -12.27
N ASN B 132 -26.86 -31.19 -12.58
CA ASN B 132 -25.97 -32.27 -13.01
C ASN B 132 -25.50 -32.12 -14.45
N ALA B 133 -26.20 -31.33 -15.27
CA ALA B 133 -25.72 -31.05 -16.61
C ALA B 133 -24.35 -30.39 -16.58
N ASN B 134 -24.05 -29.66 -15.50
CA ASN B 134 -22.72 -29.05 -15.35
C ASN B 134 -22.51 -28.80 -13.86
N ALA B 135 -21.97 -29.81 -13.17
CA ALA B 135 -21.63 -29.65 -11.77
C ALA B 135 -20.37 -28.82 -11.58
N THR B 136 -19.59 -28.62 -12.63
CA THR B 136 -18.30 -27.92 -12.56
C THR B 136 -18.31 -26.67 -13.44
N PRO B 137 -19.16 -25.69 -13.14
CA PRO B 137 -19.25 -24.52 -14.02
C PRO B 137 -17.95 -23.73 -14.02
N LYS B 138 -17.63 -23.17 -15.19
CA LYS B 138 -16.53 -22.22 -15.25
C LYS B 138 -16.87 -21.02 -14.36
N TRP B 139 -15.81 -20.37 -13.87
CA TRP B 139 -15.92 -19.12 -13.14
C TRP B 139 -15.64 -18.01 -14.15
N ASP B 140 -16.68 -17.26 -14.50
CA ASP B 140 -16.49 -16.14 -15.42
C ASP B 140 -15.74 -15.01 -14.72
N THR B 141 -15.01 -14.22 -15.52
CA THR B 141 -14.39 -13.03 -14.95
C THR B 141 -15.46 -12.06 -14.49
N GLY B 142 -15.12 -11.26 -13.48
CA GLY B 142 -16.12 -10.38 -12.90
C GLY B 142 -16.60 -9.30 -13.84
N GLU B 143 -15.73 -8.84 -14.75
CA GLU B 143 -16.18 -7.90 -15.77
C GLU B 143 -17.29 -8.52 -16.63
N THR B 144 -17.05 -9.74 -17.09
CA THR B 144 -18.06 -10.49 -17.84
C THR B 144 -19.37 -10.58 -17.06
N VAL B 145 -19.28 -10.86 -15.76
CA VAL B 145 -20.49 -11.02 -14.95
C VAL B 145 -21.21 -9.68 -14.81
N TYR B 146 -20.46 -8.63 -14.48
CA TYR B 146 -21.07 -7.30 -14.37
C TYR B 146 -21.78 -6.93 -15.66
N LYS B 147 -21.09 -7.11 -16.80
CA LYS B 147 -21.70 -6.77 -18.08
C LYS B 147 -22.93 -7.62 -18.35
N GLY B 148 -22.88 -8.90 -18.00
CA GLY B 148 -24.00 -9.78 -18.24
C GLY B 148 -25.22 -9.42 -17.41
N ILE B 149 -25.04 -9.15 -16.12
CA ILE B 149 -26.19 -8.88 -15.26
C ILE B 149 -26.77 -7.50 -15.52
N LEU B 150 -25.94 -6.52 -15.87
CA LEU B 150 -26.49 -5.24 -16.30
C LEU B 150 -27.33 -5.42 -17.57
N GLY B 151 -26.85 -6.24 -18.50
CA GLY B 151 -27.64 -6.55 -19.67
C GLY B 151 -28.95 -7.23 -19.32
N GLU B 152 -28.92 -8.11 -18.32
CA GLU B 152 -30.14 -8.79 -17.89
C GLU B 152 -31.16 -7.79 -17.34
N ILE B 153 -30.70 -6.89 -16.48
CA ILE B 153 -31.57 -5.85 -15.95
C ILE B 153 -32.16 -5.02 -17.08
N ASP B 154 -31.32 -4.63 -18.05
CA ASP B 154 -31.79 -3.90 -19.22
C ASP B 154 -32.89 -4.67 -19.96
N ALA B 155 -32.66 -5.94 -20.23
CA ALA B 155 -33.66 -6.72 -20.95
C ALA B 155 -34.92 -6.89 -20.12
N ALA B 156 -34.78 -7.15 -18.81
CA ALA B 156 -35.96 -7.30 -17.97
C ALA B 156 -36.75 -6.01 -17.87
N GLU B 157 -36.06 -4.85 -17.81
CA GLU B 157 -36.79 -3.58 -17.77
C GLU B 157 -37.56 -3.36 -19.07
N ALA B 158 -36.90 -3.55 -20.21
CA ALA B 158 -37.56 -3.37 -21.49
C ALA B 158 -38.76 -4.30 -21.67
N ALA B 159 -38.81 -5.42 -20.95
CA ALA B 159 -39.93 -6.34 -21.03
C ALA B 159 -41.16 -5.89 -20.26
N LEU B 160 -41.03 -4.89 -19.38
CA LEU B 160 -42.17 -4.45 -18.59
C LEU B 160 -43.30 -4.00 -19.50
N ASP B 161 -44.50 -4.53 -19.26
CA ASP B 161 -45.64 -4.22 -20.10
C ASP B 161 -46.63 -3.31 -19.41
N GLY B 162 -46.34 -2.87 -18.19
CA GLY B 162 -47.21 -1.97 -17.47
C GLY B 162 -48.14 -2.63 -16.46
N SER B 163 -48.23 -3.95 -16.45
CA SER B 163 -49.08 -4.62 -15.46
C SER B 163 -48.31 -4.75 -14.14
N GLY B 164 -49.05 -5.08 -13.08
CA GLY B 164 -48.49 -5.04 -11.74
C GLY B 164 -47.81 -6.34 -11.33
N MET B 165 -47.08 -6.26 -10.22
CA MET B 165 -46.45 -7.44 -9.65
C MET B 165 -47.49 -8.33 -8.97
N ASP B 166 -47.23 -9.64 -8.99
CA ASP B 166 -48.07 -10.59 -8.26
C ASP B 166 -47.38 -11.22 -7.06
N VAL B 167 -46.05 -11.32 -7.08
CA VAL B 167 -45.31 -12.03 -6.02
C VAL B 167 -45.32 -11.24 -4.71
N PRO B 168 -45.38 -11.92 -3.57
CA PRO B 168 -45.20 -11.25 -2.27
C PRO B 168 -43.86 -10.54 -2.21
N ASP B 169 -43.90 -9.24 -1.93
CA ASP B 169 -42.72 -8.40 -2.06
C ASP B 169 -42.50 -7.67 -0.73
N LEU B 170 -41.62 -8.21 0.12
CA LEU B 170 -41.35 -7.53 1.37
C LEU B 170 -40.40 -6.34 1.19
N ILE B 171 -39.74 -6.24 0.04
CA ILE B 171 -38.78 -5.17 -0.15
C ILE B 171 -39.46 -3.86 -0.55
N PHE B 172 -40.34 -3.92 -1.57
CA PHE B 172 -40.99 -2.71 -2.07
C PHE B 172 -42.53 -2.81 -2.13
N ASN B 173 -43.13 -3.84 -1.55
CA ASN B 173 -44.59 -3.97 -1.52
C ASN B 173 -45.20 -3.84 -2.91
N LYS B 174 -44.52 -4.43 -3.90
CA LYS B 174 -44.95 -4.50 -5.30
C LYS B 174 -44.91 -3.13 -5.99
N ASN B 175 -44.13 -2.18 -5.49
CA ASN B 175 -44.00 -0.87 -6.12
C ASN B 175 -42.95 -0.97 -7.22
N ILE B 176 -43.40 -0.95 -8.47
CA ILE B 176 -42.51 -1.20 -9.60
C ILE B 176 -41.54 -0.04 -9.79
N ALA B 177 -41.98 1.19 -9.51
CA ALA B 177 -41.07 2.32 -9.64
C ALA B 177 -39.92 2.18 -8.66
N GLN B 178 -40.18 1.66 -7.46
CA GLN B 178 -39.12 1.42 -6.50
C GLN B 178 -38.13 0.38 -7.03
N TRP B 179 -38.65 -0.72 -7.59
CA TRP B 179 -37.77 -1.73 -8.18
C TRP B 179 -36.95 -1.14 -9.32
N LYS B 180 -37.56 -0.30 -10.17
CA LYS B 180 -36.80 0.44 -11.18
C LYS B 180 -35.73 1.31 -10.53
N GLY B 181 -36.08 1.97 -9.42
CA GLY B 181 -35.12 2.81 -8.74
C GLY B 181 -33.95 2.01 -8.18
N PHE B 182 -34.23 0.80 -7.68
CA PHE B 182 -33.19 -0.10 -7.20
C PHE B 182 -32.30 -0.54 -8.35
N ALA B 183 -32.92 -0.92 -9.48
CA ALA B 183 -32.16 -1.25 -10.68
C ALA B 183 -31.24 -0.09 -11.07
N ASN B 184 -31.78 1.12 -11.08
CA ASN B 184 -30.96 2.27 -11.46
C ASN B 184 -29.87 2.54 -10.43
N ALA B 185 -30.13 2.26 -9.14
CA ALA B 185 -29.08 2.42 -8.14
C ALA B 185 -27.96 1.43 -8.37
N LEU B 186 -28.32 0.17 -8.64
CA LEU B 186 -27.32 -0.85 -8.96
C LEU B 186 -26.52 -0.45 -10.19
N ARG B 187 -27.19 0.04 -11.23
CA ARG B 187 -26.46 0.53 -12.40
C ARG B 187 -25.47 1.62 -12.00
N LEU B 188 -25.90 2.56 -11.16
CA LEU B 188 -24.99 3.61 -10.69
C LEU B 188 -23.77 3.03 -9.99
N ARG B 189 -24.00 2.14 -9.03
CA ARG B 189 -22.91 1.50 -8.30
C ARG B 189 -21.96 0.77 -9.26
N MET B 190 -22.51 0.01 -10.20
CA MET B 190 -21.64 -0.80 -11.04
C MET B 190 -20.97 0.02 -12.14
N TYR B 191 -21.68 1.01 -12.69
CA TYR B 191 -21.06 1.89 -13.69
C TYR B 191 -19.82 2.57 -13.13
N LEU B 192 -19.92 3.07 -11.90
CA LEU B 192 -18.78 3.74 -11.28
C LEU B 192 -17.59 2.79 -11.18
N ARG B 193 -17.87 1.49 -10.98
CA ARG B 193 -16.78 0.54 -10.89
C ARG B 193 -16.10 0.33 -12.25
N PHE B 194 -16.88 0.24 -13.33
CA PHE B 194 -16.26 0.26 -14.66
C PHE B 194 -15.41 1.50 -14.83
N ILE B 195 -15.96 2.66 -14.47
CA ILE B 195 -15.27 3.93 -14.71
C ILE B 195 -13.93 3.93 -14.00
N ASP B 196 -13.92 3.53 -12.74
CA ASP B 196 -12.69 3.57 -11.96
C ASP B 196 -11.81 2.34 -12.16
N ALA B 197 -12.27 1.36 -12.93
CA ALA B 197 -11.41 0.31 -13.44
C ALA B 197 -10.86 0.67 -14.81
N ASN B 198 -11.20 1.85 -15.32
CA ASN B 198 -10.78 2.30 -16.65
C ASN B 198 -11.24 1.31 -17.71
N ILE B 199 -12.48 0.85 -17.59
CA ILE B 199 -13.05 -0.11 -18.53
C ILE B 199 -14.26 0.55 -19.15
N ASP B 200 -14.15 0.86 -20.45
CA ASP B 200 -15.20 1.59 -21.16
C ASP B 200 -15.60 2.84 -20.38
N ALA B 201 -14.60 3.50 -19.77
CA ALA B 201 -14.86 4.55 -18.79
C ALA B 201 -15.63 5.71 -19.43
N ALA B 202 -15.26 6.09 -20.65
CA ALA B 202 -15.94 7.20 -21.32
C ALA B 202 -17.41 6.88 -21.53
N SER B 203 -17.71 5.67 -22.01
CA SER B 203 -19.09 5.26 -22.19
C SER B 203 -19.83 5.21 -20.85
N TYR B 204 -19.25 4.54 -19.86
CA TYR B 204 -19.94 4.44 -18.57
C TYR B 204 -20.05 5.79 -17.88
N THR B 205 -19.12 6.71 -18.15
CA THR B 205 -19.26 8.05 -17.60
C THR B 205 -20.48 8.77 -18.18
N GLU B 206 -20.72 8.64 -19.49
CA GLU B 206 -21.91 9.25 -20.06
C GLU B 206 -23.17 8.57 -19.56
N LYS B 207 -23.13 7.24 -19.41
CA LYS B 207 -24.28 6.51 -18.89
C LYS B 207 -24.60 6.95 -17.47
N VAL B 208 -23.57 7.14 -16.65
CA VAL B 208 -23.79 7.48 -15.25
C VAL B 208 -24.28 8.92 -15.13
N LYS B 209 -23.86 9.81 -16.03
CA LYS B 209 -24.37 11.16 -16.02
C LYS B 209 -25.86 11.17 -16.36
N THR B 210 -26.25 10.42 -17.38
CA THR B 210 -27.65 10.34 -17.77
C THR B 210 -28.48 9.77 -16.63
N LEU B 211 -27.98 8.70 -16.02
CA LEU B 211 -28.65 8.04 -14.91
C LEU B 211 -28.96 9.02 -13.79
N VAL B 212 -27.96 9.82 -13.41
CA VAL B 212 -28.15 10.77 -12.32
C VAL B 212 -29.12 11.87 -12.73
N GLN B 213 -29.03 12.36 -13.97
CA GLN B 213 -29.94 13.43 -14.36
C GLN B 213 -31.37 12.91 -14.51
N ASN B 214 -31.54 11.65 -14.95
CA ASN B 214 -32.86 11.06 -15.01
C ASN B 214 -33.46 10.97 -13.60
N ASN B 215 -32.62 10.70 -12.61
CA ASN B 215 -33.01 10.72 -11.19
C ASN B 215 -34.17 9.77 -10.91
N GLU B 216 -34.10 8.57 -11.47
CA GLU B 216 -35.16 7.59 -11.25
C GLU B 216 -34.66 6.52 -10.30
N PHE B 217 -34.25 6.93 -9.10
CA PHE B 217 -33.74 6.01 -8.12
C PHE B 217 -34.85 5.69 -7.11
N PHE B 218 -34.49 4.90 -6.11
CA PHE B 218 -35.48 4.53 -5.10
C PHE B 218 -35.57 5.61 -4.02
N THR B 219 -36.72 5.66 -3.36
CA THR B 219 -36.87 6.43 -2.15
C THR B 219 -36.75 5.50 -0.94
N GLY B 220 -36.47 6.09 0.21
CA GLY B 220 -36.20 5.29 1.38
C GLY B 220 -34.92 4.48 1.21
N ASP B 221 -34.85 3.39 1.97
CA ASP B 221 -33.75 2.45 1.88
C ASP B 221 -34.23 1.18 1.20
N VAL B 222 -33.34 0.54 0.44
CA VAL B 222 -33.62 -0.81 -0.04
C VAL B 222 -33.19 -1.75 1.07
N LYS B 223 -34.16 -2.39 1.72
CA LYS B 223 -33.84 -3.19 2.89
C LYS B 223 -34.84 -4.31 3.04
N LEU B 224 -34.41 -5.38 3.71
CA LEU B 224 -35.28 -6.47 4.10
C LEU B 224 -35.51 -6.31 5.60
N ASP B 225 -36.73 -5.95 5.96
CA ASP B 225 -37.09 -5.69 7.34
C ASP B 225 -37.71 -6.95 7.94
N CYS B 226 -38.71 -6.77 8.80
CA CYS B 226 -39.47 -7.90 9.32
CA CYS B 226 -39.48 -7.88 9.34
C CYS B 226 -38.61 -8.88 10.13
N PHE B 227 -37.48 -8.43 10.65
CA PHE B 227 -36.71 -9.26 11.59
C PHE B 227 -37.23 -9.00 12.99
N LEU B 228 -37.36 -10.07 13.77
CA LEU B 228 -37.91 -10.01 15.12
C LEU B 228 -36.93 -10.59 16.13
N ASP B 229 -37.05 -10.13 17.38
CA ASP B 229 -36.20 -10.65 18.46
C ASP B 229 -36.79 -11.94 19.03
N GLU B 230 -36.85 -12.94 18.16
CA GLU B 230 -37.37 -14.25 18.49
C GLU B 230 -36.49 -15.28 17.82
N THR B 231 -36.59 -16.54 18.28
CA THR B 231 -35.73 -17.60 17.76
C THR B 231 -35.87 -17.72 16.24
N ASP B 232 -34.73 -17.72 15.54
CA ASP B 232 -34.65 -17.89 14.09
C ASP B 232 -35.39 -16.79 13.32
N LYS B 233 -35.67 -15.65 13.95
CA LYS B 233 -36.28 -14.52 13.25
C LYS B 233 -35.48 -13.24 13.37
N ARG B 234 -34.31 -13.30 14.00
CA ARG B 234 -33.51 -12.12 14.27
C ARG B 234 -32.67 -11.76 13.04
N ASN B 235 -32.27 -10.51 12.99
CA ASN B 235 -31.27 -10.08 12.01
C ASN B 235 -30.11 -11.07 12.02
N PRO B 236 -29.62 -11.50 10.84
CA PRO B 236 -28.61 -12.57 10.78
C PRO B 236 -27.33 -12.24 11.51
N TRP B 237 -26.85 -10.99 11.40
CA TRP B 237 -25.60 -10.65 12.08
C TRP B 237 -25.76 -10.69 13.59
N TYR B 238 -26.84 -10.08 14.09
CA TYR B 238 -27.12 -10.17 15.52
C TYR B 238 -27.25 -11.62 15.97
N ASN B 239 -27.92 -12.45 15.16
CA ASN B 239 -28.21 -13.82 15.59
C ASN B 239 -26.94 -14.63 15.75
N THR B 240 -25.98 -14.45 14.85
CA THR B 240 -24.73 -15.20 14.94
C THR B 240 -23.88 -14.71 16.10
N ASN B 241 -23.83 -13.38 16.32
CA ASN B 241 -22.80 -12.78 17.16
C ASN B 241 -23.27 -12.35 18.54
N ALA B 242 -24.58 -12.13 18.73
CA ALA B 242 -25.12 -11.85 20.05
C ALA B 242 -25.96 -12.99 20.62
N VAL B 243 -26.35 -13.95 19.78
CA VAL B 243 -26.90 -15.23 20.21
C VAL B 243 -25.97 -16.31 19.67
N GLY B 244 -25.84 -17.40 20.43
CA GLY B 244 -24.94 -18.44 19.98
C GLY B 244 -23.46 -18.07 20.13
N LEU B 245 -23.18 -16.77 20.08
CA LEU B 245 -21.90 -16.21 20.51
C LEU B 245 -22.17 -15.09 21.49
N THR B 246 -21.25 -14.93 22.44
CA THR B 246 -21.20 -13.67 23.18
C THR B 246 -20.51 -12.62 22.31
N GLY B 247 -20.79 -11.35 22.60
CA GLY B 247 -20.32 -10.27 21.76
C GLY B 247 -18.81 -10.18 21.61
N ASN B 248 -18.32 -10.31 20.39
CA ASN B 248 -16.88 -10.27 20.11
C ASN B 248 -16.40 -8.96 19.52
N HIS B 249 -17.30 -8.06 19.14
CA HIS B 249 -16.93 -6.88 18.39
C HIS B 249 -16.72 -5.69 19.31
N CYS B 250 -15.59 -5.03 19.15
CA CYS B 250 -15.37 -3.73 19.74
C CYS B 250 -15.14 -2.75 18.59
N ALA B 251 -15.34 -1.47 18.85
CA ALA B 251 -15.16 -0.48 17.79
C ALA B 251 -13.68 -0.38 17.39
N ALA B 252 -13.44 -0.06 16.12
CA ALA B 252 -12.09 0.05 15.61
C ALA B 252 -11.63 1.50 15.61
N TYR B 253 -10.31 1.68 15.72
CA TYR B 253 -9.71 3.00 15.87
C TYR B 253 -10.10 4.00 14.79
N PRO B 254 -10.11 3.65 13.49
CA PRO B 254 -10.39 4.70 12.49
C PRO B 254 -11.79 5.28 12.57
N LEU B 255 -12.80 4.46 12.88
CA LEU B 255 -14.17 4.96 12.97
C LEU B 255 -14.35 5.84 14.20
N VAL B 256 -13.91 5.36 15.36
CA VAL B 256 -14.05 6.15 16.58
C VAL B 256 -13.29 7.46 16.43
N SER B 257 -12.06 7.38 15.90
CA SER B 257 -11.25 8.56 15.70
C SER B 257 -11.99 9.59 14.86
N TYR B 258 -12.57 9.15 13.75
CA TYR B 258 -13.20 10.07 12.83
C TYR B 258 -14.48 10.65 13.42
N LEU B 259 -15.29 9.82 14.07
CA LEU B 259 -16.53 10.34 14.64
C LEU B 259 -16.24 11.30 15.78
N SER B 260 -15.25 10.97 16.62
CA SER B 260 -14.83 11.92 17.65
C SER B 260 -14.30 13.20 17.01
N SER B 261 -13.42 13.07 16.03
CA SER B 261 -12.75 14.22 15.45
C SER B 261 -13.75 15.22 14.89
N THR B 262 -14.81 14.73 14.26
CA THR B 262 -15.81 15.55 13.59
C THR B 262 -16.96 15.96 14.50
N GLY B 263 -16.87 15.68 15.80
CA GLY B 263 -17.96 16.01 16.70
C GLY B 263 -19.27 15.34 16.33
N ASP B 264 -19.21 14.12 15.82
CA ASP B 264 -20.36 13.47 15.21
C ASP B 264 -21.22 12.81 16.28
N PRO B 265 -22.47 13.23 16.49
CA PRO B 265 -23.30 12.58 17.50
C PRO B 265 -23.66 11.13 17.17
N ARG B 266 -23.49 10.71 15.91
CA ARG B 266 -23.79 9.32 15.55
C ARG B 266 -22.79 8.33 16.14
N ILE B 267 -21.75 8.82 16.81
CA ILE B 267 -20.84 7.94 17.53
C ILE B 267 -21.58 7.12 18.58
N ALA B 268 -22.76 7.56 19.00
CA ALA B 268 -23.51 6.90 20.05
C ALA B 268 -24.38 5.76 19.53
N TYR B 269 -24.55 5.65 18.21
CA TYR B 269 -25.44 4.64 17.63
C TYR B 269 -24.62 3.40 17.30
N GLY B 270 -24.89 2.30 18.00
CA GLY B 270 -24.18 1.06 17.74
C GLY B 270 -22.81 0.96 18.38
N ILE B 271 -22.39 1.94 19.18
CA ILE B 271 -21.10 1.95 19.84
C ILE B 271 -21.31 2.38 21.29
N SER B 272 -20.70 1.65 22.22
CA SER B 272 -20.87 1.92 23.64
C SER B 272 -19.63 2.62 24.19
N LYS B 273 -19.84 3.54 25.13
CA LYS B 273 -18.71 4.08 25.88
C LYS B 273 -18.07 2.97 26.69
N THR B 274 -16.76 3.09 26.90
CA THR B 274 -16.06 2.09 27.67
C THR B 274 -16.63 2.00 29.08
N ASP B 275 -16.70 0.79 29.62
CA ASP B 275 -17.14 0.64 30.99
C ASP B 275 -16.09 1.08 31.99
N ALA B 276 -14.82 1.16 31.56
CA ALA B 276 -13.77 1.61 32.47
C ALA B 276 -13.80 3.12 32.67
N ASP B 277 -14.00 3.91 31.60
CA ASP B 277 -13.87 5.35 31.70
C ASP B 277 -15.03 6.14 31.10
N GLY B 278 -15.99 5.49 30.47
CA GLY B 278 -17.06 6.24 29.84
C GLY B 278 -16.65 7.02 28.61
N LYS B 279 -15.62 6.57 27.90
CA LYS B 279 -15.16 7.25 26.71
C LYS B 279 -15.40 6.38 25.48
N TYR B 280 -15.22 6.99 24.30
CA TYR B 280 -15.25 6.28 23.03
C TYR B 280 -13.83 5.92 22.64
N VAL B 281 -13.56 4.62 22.55
CA VAL B 281 -12.21 4.12 22.29
C VAL B 281 -12.28 3.02 21.24
N GLY B 282 -11.55 3.20 20.16
CA GLY B 282 -11.45 2.20 19.11
C GLY B 282 -10.11 1.48 19.20
N GLN B 283 -10.14 0.18 18.94
CA GLN B 283 -8.91 -0.60 18.92
C GLN B 283 -8.27 -0.51 17.55
N LEU B 284 -6.94 -0.43 17.52
CA LEU B 284 -6.23 -0.41 16.25
C LEU B 284 -6.41 -1.74 15.52
N PRO B 285 -6.66 -1.71 14.21
CA PRO B 285 -6.84 -2.95 13.45
C PRO B 285 -5.72 -3.95 13.66
N GLY B 286 -6.09 -5.21 13.89
CA GLY B 286 -5.10 -6.25 14.10
C GLY B 286 -4.26 -6.07 15.34
N GLY B 287 -4.60 -5.13 16.21
CA GLY B 287 -3.74 -4.77 17.31
C GLY B 287 -4.06 -5.33 18.67
N LYS B 288 -5.09 -6.18 18.77
CA LYS B 288 -5.51 -6.72 20.07
C LYS B 288 -4.34 -7.27 20.87
N THR B 289 -3.56 -8.17 20.29
CA THR B 289 -2.49 -8.81 21.07
C THR B 289 -1.34 -7.83 21.35
N HIS B 290 -1.16 -6.83 20.49
CA HIS B 290 -0.11 -5.85 20.72
C HIS B 290 -0.48 -4.87 21.84
N MET B 291 -1.76 -4.47 21.90
CA MET B 291 -2.21 -3.65 23.01
C MET B 291 -2.02 -4.38 24.33
N GLN B 292 -2.43 -5.65 24.39
CA GLN B 292 -2.22 -6.45 25.59
C GLN B 292 -0.73 -6.55 25.92
N SER B 293 0.11 -6.69 24.89
CA SER B 293 1.54 -6.83 25.14
C SER B 293 2.15 -5.55 25.66
N ILE B 294 1.78 -4.41 25.07
CA ILE B 294 2.43 -3.14 25.38
C ILE B 294 1.91 -2.58 26.71
N LEU B 295 0.60 -2.61 26.91
CA LEU B 295 0.01 -2.05 28.12
C LEU B 295 0.02 -3.03 29.29
N GLY B 296 0.20 -4.32 29.03
CA GLY B 296 -0.07 -5.32 30.03
C GLY B 296 -1.47 -5.88 29.82
N THR B 297 -1.60 -7.20 29.78
CA THR B 297 -2.88 -7.81 29.42
C THR B 297 -4.00 -7.39 30.37
N ASP B 298 -3.67 -7.10 31.64
CA ASP B 298 -4.67 -6.64 32.58
C ASP B 298 -5.14 -5.23 32.30
N ASN B 299 -4.37 -4.46 31.55
CA ASN B 299 -4.69 -3.07 31.28
C ASN B 299 -5.35 -2.87 29.92
N TRP B 300 -5.61 -3.96 29.19
CA TRP B 300 -6.35 -3.88 27.92
C TRP B 300 -7.39 -5.01 27.93
N LYS B 301 -8.46 -4.76 28.66
CA LYS B 301 -9.61 -5.66 28.78
C LYS B 301 -10.75 -5.10 27.95
N ASN B 302 -11.85 -5.87 27.88
CA ASN B 302 -13.01 -5.37 27.15
C ASN B 302 -13.48 -4.03 27.71
N LYS B 303 -13.37 -3.82 29.02
CA LYS B 303 -13.80 -2.57 29.63
C LYS B 303 -13.00 -1.37 29.13
N ASN B 304 -11.83 -1.59 28.53
CA ASN B 304 -10.99 -0.49 28.08
C ASN B 304 -11.24 -0.10 26.63
N VAL B 305 -12.19 -0.74 25.97
CA VAL B 305 -12.43 -0.48 24.56
C VAL B 305 -13.94 -0.39 24.34
N SER B 306 -14.35 0.46 23.41
CA SER B 306 -15.78 0.61 23.16
C SER B 306 -16.35 -0.67 22.56
N ALA B 307 -17.32 -1.27 23.24
CA ALA B 307 -18.04 -2.38 22.65
C ALA B 307 -18.91 -1.89 21.51
N ILE B 308 -19.03 -2.71 20.45
CA ILE B 308 -20.15 -2.54 19.54
C ILE B 308 -21.42 -2.85 20.30
N ASP B 309 -22.44 -2.01 20.14
CA ASP B 309 -23.70 -2.18 20.86
C ASP B 309 -24.60 -3.09 20.04
N TYR B 310 -24.87 -4.28 20.57
CA TYR B 310 -25.75 -5.22 19.89
C TYR B 310 -27.22 -4.93 20.13
N SER B 311 -27.54 -4.08 21.10
CA SER B 311 -28.92 -3.88 21.53
C SER B 311 -29.80 -3.33 20.42
N ILE B 312 -29.20 -2.73 19.38
CA ILE B 312 -29.96 -2.25 18.23
C ILE B 312 -30.07 -3.30 17.15
N GLY B 313 -29.49 -4.48 17.35
CA GLY B 313 -29.27 -5.39 16.26
C GLY B 313 -30.33 -6.43 16.00
N ALA B 314 -31.12 -6.84 17.01
CA ALA B 314 -31.92 -8.04 16.88
C ALA B 314 -32.98 -7.89 15.78
N THR B 315 -33.65 -6.74 15.72
CA THR B 315 -34.70 -6.50 14.74
C THR B 315 -34.25 -5.61 13.60
N LYS B 316 -32.97 -5.28 13.53
CA LYS B 316 -32.48 -4.34 12.55
C LYS B 316 -32.61 -4.91 11.14
N PRO B 317 -33.08 -4.09 10.18
CA PRO B 317 -33.15 -4.55 8.78
C PRO B 317 -31.79 -4.93 8.24
N VAL B 318 -31.79 -5.78 7.21
CA VAL B 318 -30.60 -5.98 6.38
C VAL B 318 -30.72 -5.04 5.18
N TYR B 319 -29.65 -4.29 4.92
CA TYR B 319 -29.68 -3.26 3.87
C TYR B 319 -29.04 -3.78 2.60
N PHE B 320 -29.74 -3.60 1.47
CA PHE B 320 -29.16 -3.85 0.15
C PHE B 320 -28.66 -2.56 -0.50
N PHE B 321 -29.30 -1.43 -0.22
CA PHE B 321 -28.88 -0.14 -0.78
C PHE B 321 -29.48 0.94 0.09
N THR B 322 -28.63 1.71 0.76
CA THR B 322 -29.16 2.76 1.62
C THR B 322 -29.41 4.02 0.80
N GLN B 323 -30.42 4.79 1.24
CA GLN B 323 -30.64 6.11 0.64
C GLN B 323 -29.39 6.98 0.78
N ALA B 324 -28.75 6.92 1.95
CA ALA B 324 -27.55 7.72 2.17
C ALA B 324 -26.47 7.39 1.15
N GLU B 325 -26.24 6.10 0.89
CA GLU B 325 -25.20 5.77 -0.07
C GLU B 325 -25.58 6.26 -1.46
N LEU B 326 -26.84 6.03 -1.84
CA LEU B 326 -27.33 6.51 -3.13
C LEU B 326 -26.98 7.98 -3.35
N GLN B 327 -27.30 8.81 -2.35
CA GLN B 327 -27.01 10.24 -2.44
C GLN B 327 -25.51 10.49 -2.57
N PHE B 328 -24.67 9.73 -1.85
CA PHE B 328 -23.24 9.97 -1.95
C PHE B 328 -22.68 9.57 -3.30
N LEU B 329 -23.23 8.52 -3.92
CA LEU B 329 -22.87 8.20 -5.30
C LEU B 329 -23.35 9.30 -6.25
N ILE B 330 -24.56 9.82 -6.05
CA ILE B 330 -25.04 10.92 -6.89
C ILE B 330 -24.16 12.13 -6.73
N ALA B 331 -23.81 12.47 -5.48
CA ALA B 331 -22.93 13.60 -5.20
C ALA B 331 -21.60 13.43 -5.90
N GLU B 332 -21.05 12.22 -5.85
CA GLU B 332 -19.80 11.92 -6.54
C GLU B 332 -19.92 12.19 -8.04
N VAL B 333 -21.02 11.73 -8.66
CA VAL B 333 -21.19 11.93 -10.09
C VAL B 333 -21.27 13.43 -10.43
N TYR B 334 -22.03 14.19 -9.64
CA TYR B 334 -22.10 15.62 -9.89
C TYR B 334 -20.73 16.29 -9.72
N ALA B 335 -19.96 15.84 -8.73
CA ALA B 335 -18.66 16.46 -8.48
C ALA B 335 -17.65 16.09 -9.57
N ARG B 336 -17.64 14.84 -10.00
CA ARG B 336 -16.59 14.36 -10.88
C ARG B 336 -16.89 14.58 -12.36
N PHE B 337 -18.14 14.39 -12.79
CA PHE B 337 -18.44 14.24 -14.21
C PHE B 337 -19.36 15.31 -14.77
N HIS B 338 -20.14 15.96 -13.92
CA HIS B 338 -20.93 17.11 -14.34
C HIS B 338 -20.25 18.42 -13.96
N ASN B 339 -19.34 18.38 -13.00
CA ASN B 339 -18.74 19.57 -12.40
C ASN B 339 -19.85 20.57 -12.07
N ASP B 340 -20.87 20.07 -11.38
CA ASP B 340 -22.01 20.83 -10.92
C ASP B 340 -21.91 20.84 -9.40
N ASP B 341 -21.33 21.90 -8.85
CA ASP B 341 -21.05 21.93 -7.42
C ASP B 341 -22.33 22.07 -6.61
N ALA B 342 -23.31 22.82 -7.11
CA ALA B 342 -24.57 22.97 -6.38
C ALA B 342 -25.25 21.62 -6.18
N ASN B 343 -25.35 20.82 -7.24
CA ASN B 343 -26.03 19.53 -7.12
C ASN B 343 -25.19 18.53 -6.34
N ALA B 344 -23.86 18.61 -6.44
CA ALA B 344 -23.00 17.76 -5.62
C ALA B 344 -23.20 18.05 -4.15
N LYS B 345 -23.22 19.34 -3.78
CA LYS B 345 -23.45 19.71 -2.39
C LYS B 345 -24.82 19.26 -1.91
N SER B 346 -25.84 19.44 -2.76
CA SER B 346 -27.21 19.10 -2.36
C SER B 346 -27.35 17.61 -2.09
N ALA B 347 -26.78 16.77 -2.96
CA ALA B 347 -26.83 15.33 -2.72
C ALA B 347 -26.02 14.95 -1.49
N TYR B 348 -24.84 15.55 -1.33
CA TYR B 348 -23.98 15.29 -0.19
C TYR B 348 -24.72 15.54 1.12
N GLU B 349 -25.39 16.68 1.23
CA GLU B 349 -26.12 16.97 2.46
C GLU B 349 -27.33 16.05 2.59
N ALA B 350 -27.96 15.71 1.46
CA ALA B 350 -29.06 14.77 1.51
C ALA B 350 -28.58 13.43 2.05
N GLY B 351 -27.42 12.95 1.58
CA GLY B 351 -26.85 11.74 2.11
C GLY B 351 -26.63 11.80 3.61
N VAL B 352 -25.95 12.86 4.08
CA VAL B 352 -25.70 13.00 5.52
C VAL B 352 -27.02 13.07 6.28
N THR B 353 -27.96 13.88 5.78
CA THR B 353 -29.27 14.02 6.41
C THR B 353 -29.99 12.67 6.49
N ALA B 354 -29.97 11.90 5.40
CA ALA B 354 -30.69 10.64 5.41
C ALA B 354 -30.13 9.70 6.48
N ASP B 355 -28.81 9.60 6.57
CA ASP B 355 -28.21 8.71 7.55
C ASP B 355 -28.49 9.17 8.98
N PHE B 356 -28.39 10.48 9.23
CA PHE B 356 -28.75 10.99 10.54
C PHE B 356 -30.14 10.53 10.95
N ALA B 357 -31.10 10.62 10.02
CA ALA B 357 -32.47 10.24 10.36
C ALA B 357 -32.60 8.74 10.65
N VAL B 358 -31.91 7.89 9.87
CA VAL B 358 -32.04 6.45 10.05
C VAL B 358 -31.54 6.04 11.43
N ARG B 359 -30.52 6.73 11.93
CA ARG B 359 -29.90 6.42 13.22
C ARG B 359 -30.59 7.12 14.39
N GLY B 360 -31.71 7.80 14.15
CA GLY B 360 -32.45 8.41 15.22
C GLY B 360 -31.96 9.78 15.61
N PHE B 361 -31.25 10.47 14.72
CA PHE B 361 -30.66 11.77 14.99
C PHE B 361 -31.19 12.85 14.07
N ALA B 362 -32.45 12.71 13.62
CA ALA B 362 -33.02 13.64 12.65
C ALA B 362 -32.91 15.07 13.15
N GLY B 363 -32.51 15.97 12.26
CA GLY B 363 -32.36 17.37 12.59
C GLY B 363 -31.00 17.77 13.17
N GLN B 364 -30.17 16.80 13.52
CA GLN B 364 -28.86 17.08 14.08
C GLN B 364 -27.73 17.03 13.05
N GLU B 365 -28.04 16.83 11.77
CA GLU B 365 -26.99 16.72 10.78
C GLU B 365 -26.16 17.99 10.66
N ASN B 366 -26.71 19.13 11.10
CA ASN B 366 -25.97 20.38 11.02
C ASN B 366 -24.73 20.38 11.91
N THR B 367 -24.71 19.55 12.97
CA THR B 367 -23.48 19.35 13.75
C THR B 367 -22.32 18.94 12.85
N ILE B 368 -22.63 18.33 11.72
CA ILE B 368 -21.65 17.87 10.75
C ILE B 368 -21.63 18.77 9.52
N LEU B 369 -22.82 19.13 9.02
CA LEU B 369 -22.95 19.89 7.77
C LEU B 369 -22.56 21.34 7.93
N GLU B 370 -22.59 21.88 9.15
CA GLU B 370 -22.12 23.24 9.40
C GLU B 370 -20.91 23.25 10.32
N GLY B 371 -20.27 22.11 10.52
CA GLY B 371 -19.11 22.01 11.38
C GLY B 371 -17.91 21.50 10.61
N ALA B 372 -17.25 20.48 11.14
CA ALA B 372 -16.01 19.99 10.55
C ALA B 372 -16.19 19.45 9.13
N CYS B 373 -17.40 19.04 8.76
CA CYS B 373 -17.63 18.44 7.44
C CYS B 373 -18.48 19.32 6.53
N ALA B 374 -18.49 20.62 6.76
CA ALA B 374 -19.26 21.54 5.94
C ALA B 374 -18.74 21.54 4.51
N TRP B 375 -19.67 21.47 3.55
CA TRP B 375 -19.28 21.50 2.14
C TRP B 375 -18.54 22.80 1.81
N SER B 376 -18.97 23.91 2.42
CA SER B 376 -18.32 25.19 2.13
C SER B 376 -16.87 25.18 2.59
N ALA B 377 -16.54 24.36 3.59
CA ALA B 377 -15.17 24.28 4.09
C ALA B 377 -14.26 23.47 3.18
N ALA B 378 -14.80 22.75 2.21
CA ALA B 378 -13.97 22.01 1.26
C ALA B 378 -13.55 22.93 0.12
N SER B 379 -12.25 22.96 -0.16
CA SER B 379 -11.71 23.90 -1.13
C SER B 379 -11.62 23.29 -2.52
N THR B 380 -10.94 22.16 -2.65
CA THR B 380 -10.69 21.52 -3.93
C THR B 380 -11.72 20.44 -4.20
N GLN B 381 -11.73 19.95 -5.45
CA GLN B 381 -12.54 18.78 -5.76
C GLN B 381 -12.10 17.59 -4.91
N ALA B 382 -10.79 17.45 -4.69
CA ALA B 382 -10.31 16.34 -3.88
C ALA B 382 -10.82 16.45 -2.45
N ASP B 383 -10.86 17.67 -1.90
CA ASP B 383 -11.43 17.85 -0.57
C ASP B 383 -12.90 17.46 -0.53
N LYS B 384 -13.66 17.88 -1.55
CA LYS B 384 -15.09 17.59 -1.61
C LYS B 384 -15.34 16.10 -1.75
N LEU B 385 -14.58 15.42 -2.63
CA LEU B 385 -14.70 13.97 -2.75
C LEU B 385 -14.32 13.28 -1.44
N ASN B 386 -13.31 13.80 -0.75
CA ASN B 386 -12.96 13.25 0.55
C ASN B 386 -14.14 13.33 1.51
N LEU B 387 -14.81 14.50 1.57
CA LEU B 387 -16.03 14.62 2.37
C LEU B 387 -17.04 13.55 2.00
N ILE B 388 -17.28 13.40 0.69
CA ILE B 388 -18.32 12.48 0.23
C ILE B 388 -17.95 11.05 0.60
N TYR B 389 -16.72 10.65 0.28
CA TYR B 389 -16.30 9.27 0.53
C TYR B 389 -16.26 8.96 2.03
N MET B 390 -15.78 9.90 2.85
CA MET B 390 -15.73 9.66 4.30
C MET B 390 -17.14 9.59 4.88
N GLN B 391 -18.03 10.45 4.42
CA GLN B 391 -19.39 10.46 4.95
C GLN B 391 -20.17 9.24 4.48
N LYS B 392 -19.87 8.75 3.28
CA LYS B 392 -20.43 7.47 2.85
C LYS B 392 -19.95 6.34 3.75
N TRP B 393 -18.64 6.31 4.01
CA TRP B 393 -18.08 5.29 4.88
C TRP B 393 -18.73 5.32 6.26
N VAL B 394 -18.95 6.51 6.82
CA VAL B 394 -19.64 6.59 8.10
C VAL B 394 -21.07 6.08 7.97
N SER B 395 -21.77 6.47 6.90
CA SER B 395 -23.18 6.10 6.76
C SER B 395 -23.37 4.60 6.59
N LEU B 396 -22.35 3.89 6.09
CA LEU B 396 -22.47 2.47 5.88
C LEU B 396 -22.15 1.65 7.15
N PHE B 397 -21.66 2.29 8.21
CA PHE B 397 -21.41 1.56 9.45
C PHE B 397 -22.72 1.08 10.04
N TYR B 398 -22.78 -0.22 10.35
CA TYR B 398 -23.95 -0.85 10.95
C TYR B 398 -25.15 -0.80 10.00
N MET B 399 -24.88 -0.72 8.70
CA MET B 399 -25.90 -0.69 7.68
C MET B 399 -25.59 -1.72 6.59
N ASP B 400 -24.44 -1.55 5.90
CA ASP B 400 -24.10 -2.37 4.74
C ASP B 400 -22.57 -2.39 4.64
N HIS B 401 -21.96 -3.32 5.39
CA HIS B 401 -20.50 -3.37 5.47
C HIS B 401 -19.87 -3.89 4.20
N MET B 402 -20.51 -4.84 3.52
CA MET B 402 -19.97 -5.32 2.24
C MET B 402 -19.78 -4.15 1.27
N GLU B 403 -20.80 -3.31 1.13
CA GLU B 403 -20.68 -2.16 0.25
C GLU B 403 -19.61 -1.20 0.74
N ALA B 404 -19.52 -1.00 2.06
CA ALA B 404 -18.47 -0.13 2.60
C ALA B 404 -17.09 -0.59 2.17
N TRP B 405 -16.84 -1.90 2.27
CA TRP B 405 -15.55 -2.44 1.87
C TRP B 405 -15.32 -2.26 0.37
N SER B 406 -16.36 -2.49 -0.44
CA SER B 406 -16.22 -2.32 -1.89
C SER B 406 -15.94 -0.87 -2.26
N GLU B 407 -16.65 0.06 -1.61
CA GLU B 407 -16.46 1.47 -1.90
C GLU B 407 -15.11 1.97 -1.39
N ILE B 408 -14.62 1.46 -0.26
CA ILE B 408 -13.23 1.73 0.13
C ILE B 408 -12.29 1.26 -0.97
N ARG B 409 -12.48 0.02 -1.43
CA ARG B 409 -11.60 -0.52 -2.46
C ARG B 409 -11.68 0.30 -3.75
N ARG B 410 -12.88 0.75 -4.13
CA ARG B 410 -12.97 1.49 -5.39
C ARG B 410 -12.31 2.85 -5.27
N THR B 411 -12.70 3.63 -4.27
CA THR B 411 -12.26 5.01 -4.17
C THR B 411 -10.97 5.16 -3.39
N ASP B 412 -10.58 4.13 -2.63
CA ASP B 412 -9.43 4.19 -1.72
C ASP B 412 -9.52 5.38 -0.78
N CYS B 413 -10.74 5.64 -0.32
CA CYS B 413 -11.04 6.63 0.68
C CYS B 413 -12.09 6.01 1.62
N PRO B 414 -11.84 6.02 2.94
CA PRO B 414 -10.70 6.57 3.68
C PRO B 414 -9.34 6.04 3.22
N LYS B 415 -8.38 6.95 3.17
CA LYS B 415 -7.03 6.63 2.73
C LYS B 415 -6.34 5.74 3.75
N LEU B 416 -5.41 4.91 3.28
CA LEU B 416 -4.60 4.12 4.18
C LEU B 416 -3.55 5.01 4.84
N SER B 417 -3.50 4.99 6.17
CA SER B 417 -2.54 5.83 6.88
C SER B 417 -1.12 5.52 6.44
N SER B 418 -0.31 6.57 6.31
CA SER B 418 1.12 6.44 6.08
C SER B 418 1.86 5.86 7.27
N TYR B 419 1.21 5.84 8.44
CA TYR B 419 1.84 5.35 9.66
C TYR B 419 1.33 3.96 9.99
N SER B 420 2.21 3.14 10.53
CA SER B 420 1.81 1.82 10.98
C SER B 420 1.03 1.93 12.28
N ALA B 421 0.32 0.86 12.61
CA ALA B 421 -0.43 0.82 13.86
C ALA B 421 0.49 1.04 15.06
N ALA B 422 1.67 0.43 15.03
CA ALA B 422 2.62 0.59 16.12
C ALA B 422 3.06 2.05 16.26
N GLN B 423 3.28 2.73 15.13
CA GLN B 423 3.61 4.15 15.16
C GLN B 423 2.45 4.98 15.71
N ILE B 424 1.22 4.64 15.32
CA ILE B 424 0.05 5.39 15.79
C ILE B 424 -0.14 5.21 17.29
N GLN B 425 -0.05 3.97 17.77
CA GLN B 425 -0.18 3.73 19.21
C GLN B 425 0.86 4.49 20.00
N ALA B 426 2.09 4.61 19.47
CA ALA B 426 3.15 5.27 20.22
C ALA B 426 3.01 6.78 20.22
N SER B 427 2.37 7.36 19.20
CA SER B 427 2.28 8.82 19.10
C SER B 427 1.06 9.14 18.23
N GLU B 428 -0.10 9.22 18.88
CA GLU B 428 -1.35 9.34 18.14
C GLU B 428 -1.48 10.65 17.38
N SER B 429 -0.66 11.65 17.68
CA SER B 429 -0.75 12.93 16.97
C SER B 429 -0.34 12.82 15.51
N VAL B 430 0.40 11.76 15.13
CA VAL B 430 0.79 11.59 13.73
C VAL B 430 -0.38 11.09 12.89
N TYR B 431 -1.44 10.60 13.52
CA TYR B 431 -2.53 9.96 12.81
C TYR B 431 -3.52 10.99 12.30
N THR B 432 -4.04 10.77 11.09
CA THR B 432 -5.14 11.56 10.59
C THR B 432 -6.44 10.82 10.86
N PRO B 433 -7.32 11.37 11.70
CA PRO B 433 -8.57 10.68 12.06
C PRO B 433 -9.32 10.16 10.84
N GLY B 434 -9.75 8.89 10.92
CA GLY B 434 -10.54 8.26 9.89
C GLY B 434 -9.74 7.54 8.82
N GLU B 435 -8.44 7.74 8.74
CA GLU B 435 -7.66 6.96 7.79
C GLU B 435 -7.59 5.50 8.25
N LEU B 436 -7.54 4.60 7.28
CA LEU B 436 -7.41 3.19 7.55
C LEU B 436 -5.99 2.88 8.03
N VAL B 437 -5.86 1.78 8.78
CA VAL B 437 -4.60 1.36 9.34
C VAL B 437 -4.37 -0.09 8.98
N ALA B 438 -3.24 -0.38 8.35
CA ALA B 438 -2.90 -1.76 8.04
C ALA B 438 -2.82 -2.55 9.35
N PRO B 439 -3.45 -3.72 9.43
CA PRO B 439 -3.49 -4.46 10.71
C PRO B 439 -2.13 -4.65 11.32
N TRP B 440 -2.04 -4.40 12.63
CA TRP B 440 -0.79 -4.52 13.37
C TRP B 440 -0.14 -5.89 13.14
N THR B 441 -0.89 -6.95 13.41
CA THR B 441 -0.57 -8.27 12.88
C THR B 441 -1.30 -8.42 11.55
N ASN B 442 -0.56 -8.79 10.51
CA ASN B 442 -1.10 -8.82 9.15
C ASN B 442 -0.59 -10.08 8.47
N GLY B 443 -1.46 -11.07 8.32
CA GLY B 443 -1.03 -12.29 7.66
C GLY B 443 -0.82 -12.17 6.16
N LEU B 444 -1.15 -11.04 5.55
CA LEU B 444 -0.86 -10.88 4.13
C LEU B 444 0.64 -10.71 3.95
N GLU B 445 1.24 -11.56 3.12
CA GLU B 445 2.67 -11.47 2.87
C GLU B 445 3.05 -10.10 2.31
N ALA B 446 2.19 -9.50 1.49
CA ALA B 446 2.46 -8.19 0.93
C ALA B 446 2.09 -7.06 1.88
N GLY B 447 1.46 -7.37 3.02
CA GLY B 447 0.94 -6.37 3.92
C GLY B 447 -0.25 -5.66 3.29
N GLY B 448 -0.56 -4.48 3.82
CA GLY B 448 -1.61 -3.67 3.22
C GLY B 448 -3.00 -4.15 3.63
N LEU B 449 -4.01 -3.63 2.92
CA LEU B 449 -5.40 -3.89 3.26
C LEU B 449 -5.94 -5.12 2.52
N MET B 450 -7.02 -5.69 3.06
CA MET B 450 -7.62 -6.86 2.43
C MET B 450 -8.32 -6.47 1.14
N LYS B 451 -7.95 -7.10 0.03
CA LYS B 451 -8.49 -6.71 -1.28
C LYS B 451 -9.59 -7.64 -1.78
N ARG B 452 -9.65 -8.88 -1.29
CA ARG B 452 -10.69 -9.82 -1.73
C ARG B 452 -10.87 -10.87 -0.65
N MET B 453 -11.89 -11.71 -0.85
CA MET B 453 -12.13 -12.91 -0.07
C MET B 453 -11.62 -14.11 -0.86
N THR B 454 -11.27 -15.18 -0.14
CA THR B 454 -10.83 -16.42 -0.76
C THR B 454 -11.98 -17.07 -1.53
N TYR B 455 -11.62 -17.92 -2.50
CA TYR B 455 -12.64 -18.75 -3.13
C TYR B 455 -13.19 -19.74 -2.11
N PRO B 456 -14.52 -19.97 -2.10
CA PRO B 456 -15.13 -20.90 -1.15
C PRO B 456 -14.45 -22.26 -1.20
N LEU B 457 -14.17 -22.82 -0.01
CA LEU B 457 -13.56 -24.14 0.07
C LEU B 457 -14.43 -25.21 -0.57
N SER B 458 -15.76 -25.09 -0.40
CA SER B 458 -16.65 -26.06 -1.03
C SER B 458 -16.45 -26.05 -2.54
N ALA B 459 -16.24 -24.87 -3.13
CA ALA B 459 -15.98 -24.76 -4.55
C ALA B 459 -14.63 -25.38 -4.91
N ARG B 460 -13.59 -25.07 -4.14
CA ARG B 460 -12.30 -25.73 -4.33
C ARG B 460 -12.47 -27.24 -4.33
N GLN B 461 -13.23 -27.77 -3.37
CA GLN B 461 -13.37 -29.21 -3.25
C GLN B 461 -14.18 -29.79 -4.40
N GLN B 462 -15.24 -29.09 -4.83
CA GLN B 462 -16.23 -29.71 -5.69
C GLN B 462 -16.15 -29.30 -7.15
N ASN B 463 -15.43 -28.23 -7.47
CA ASN B 463 -15.43 -27.68 -8.82
C ASN B 463 -13.98 -27.45 -9.25
N VAL B 464 -13.48 -28.34 -10.10
CA VAL B 464 -12.10 -28.26 -10.56
C VAL B 464 -11.80 -26.94 -11.25
N ASN B 465 -12.83 -26.24 -11.73
CA ASN B 465 -12.67 -25.00 -12.48
C ASN B 465 -12.64 -23.75 -11.62
N THR B 466 -12.86 -23.89 -10.31
CA THR B 466 -12.64 -22.77 -9.41
C THR B 466 -11.20 -22.26 -9.59
N PRO B 467 -11.01 -20.96 -9.81
CA PRO B 467 -9.65 -20.46 -10.06
C PRO B 467 -8.74 -20.76 -8.88
N ALA B 468 -7.44 -20.88 -9.16
CA ALA B 468 -6.47 -21.06 -8.10
C ALA B 468 -6.58 -19.96 -7.07
N GLY B 469 -6.40 -20.32 -5.80
CA GLY B 469 -6.42 -19.31 -4.76
C GLY B 469 -5.29 -18.31 -4.94
N VAL B 470 -5.56 -17.06 -4.58
CA VAL B 470 -4.54 -16.00 -4.64
C VAL B 470 -4.52 -15.33 -3.27
N PRO B 471 -3.45 -14.60 -2.95
CA PRO B 471 -3.42 -13.90 -1.66
C PRO B 471 -4.53 -12.87 -1.58
N GLY B 472 -4.98 -12.60 -0.35
CA GLY B 472 -5.98 -11.57 -0.11
C GLY B 472 -5.56 -10.18 -0.55
N SER B 473 -4.26 -9.97 -0.79
CA SER B 473 -3.79 -8.71 -1.35
C SER B 473 -4.04 -8.59 -2.84
N THR B 474 -4.45 -9.67 -3.52
CA THR B 474 -4.71 -9.60 -4.96
C THR B 474 -6.10 -8.99 -5.19
N PRO B 475 -6.19 -7.85 -5.85
CA PRO B 475 -7.48 -7.14 -5.93
C PRO B 475 -8.46 -7.84 -6.87
N VAL B 476 -9.73 -7.47 -6.73
CA VAL B 476 -10.74 -7.86 -7.70
C VAL B 476 -10.60 -7.00 -8.96
N TRP B 477 -11.25 -7.43 -10.05
CA TRP B 477 -11.01 -6.85 -11.38
C TRP B 477 -11.28 -5.35 -11.42
N TRP B 478 -12.24 -4.85 -10.66
CA TRP B 478 -12.54 -3.42 -10.77
C TRP B 478 -11.68 -2.58 -9.84
N ASP B 479 -10.76 -3.19 -9.11
CA ASP B 479 -9.91 -2.49 -8.15
C ASP B 479 -8.50 -2.52 -8.73
N ILE B 480 -8.11 -1.44 -9.42
CA ILE B 480 -6.88 -1.44 -10.19
C ILE B 480 -5.81 -0.54 -9.60
N LYS B 481 -6.07 0.10 -8.47
CA LYS B 481 -5.12 1.02 -7.84
C LYS B 481 -5.25 0.91 -6.32
CA CA C . 8.67 -0.03 5.07
CA CA D . -8.40 0.59 -4.84
#